data_1Z5U
#
_entry.id   1Z5U
#
_cell.length_a   70.710
_cell.length_b   84.300
_cell.length_c   149.830
_cell.angle_alpha   90.00
_cell.angle_beta   90.00
_cell.angle_gamma   90.00
#
_symmetry.space_group_name_H-M   'P 21 21 21'
#
loop_
_entity.id
_entity.type
_entity.pdbx_description
1 polymer 'AphA protein'
2 non-polymer 'MAGNESIUM ION'
3 non-polymer "ADENOSINE-3',5'-CYCLIC-MONOPHOSPHATE"
4 water water
#
_entity_poly.entity_id   1
_entity_poly.type   'polypeptide(L)'
_entity_poly.pdbx_seq_one_letter_code
;LVSSPSTLNPGTNVAKLAEQAPVHWVSVAQIENSLTGRPPMAVGFDIDDTVLFSSPGFWRGKKTYSPDSDDYLKNPAFWE
KMNNGWDEFSIPKEAARQLIDMHVRRGDSIYFVTGRSQTKTETVSKTLADNFHIPAANMNPVIFAGDKPEQNTKVQWLQE
KNMRIFYGDSDNDITAARDCGIRGIRILRAANSTYKPLPQAGAFGEEVIVNSEY
;
_entity_poly.pdbx_strand_id   A,B,C,D
#
# COMPACT_ATOMS: atom_id res chain seq x y z
N THR A 7 21.56 -4.20 3.88
CA THR A 7 20.57 -3.53 2.99
C THR A 7 20.19 -4.38 1.76
N LEU A 8 20.68 -5.62 1.74
CA LEU A 8 20.35 -6.57 0.68
C LEU A 8 18.96 -7.15 1.00
N ASN A 9 18.69 -7.32 2.30
CA ASN A 9 17.42 -7.82 2.79
C ASN A 9 16.93 -6.82 3.84
N PRO A 10 16.38 -5.68 3.37
CA PRO A 10 15.88 -4.62 4.25
C PRO A 10 14.69 -5.00 5.12
N GLY A 11 13.81 -5.84 4.60
CA GLY A 11 12.63 -6.23 5.37
C GLY A 11 11.60 -5.12 5.48
N THR A 12 10.57 -5.36 6.29
CA THR A 12 9.52 -4.38 6.50
C THR A 12 8.76 -4.73 7.78
N ASN A 13 7.81 -3.89 8.18
CA ASN A 13 7.00 -4.13 9.37
C ASN A 13 5.60 -3.64 9.05
N VAL A 14 4.61 -4.04 9.84
CA VAL A 14 3.23 -3.67 9.55
C VAL A 14 2.94 -2.17 9.69
N ALA A 15 3.67 -1.48 10.54
CA ALA A 15 3.45 -0.05 10.69
C ALA A 15 3.75 0.61 9.36
N LYS A 16 4.84 0.19 8.74
CA LYS A 16 5.26 0.73 7.46
C LYS A 16 4.31 0.32 6.35
N LEU A 17 3.80 -0.91 6.40
CA LEU A 17 2.88 -1.40 5.38
C LEU A 17 1.53 -0.68 5.35
N ALA A 18 1.10 -0.16 6.50
CA ALA A 18 -0.19 0.52 6.57
C ALA A 18 -0.08 2.04 6.54
N GLU A 19 1.14 2.55 6.63
CA GLU A 19 1.39 3.99 6.61
C GLU A 19 0.76 4.71 5.42
N GLN A 20 0.04 5.78 5.71
CA GLN A 20 -0.61 6.56 4.66
C GLN A 20 -0.13 8.00 4.69
N ALA A 21 0.07 8.57 3.51
CA ALA A 21 0.47 9.96 3.42
C ALA A 21 -0.83 10.75 3.68
N PRO A 22 -0.76 11.87 4.44
CA PRO A 22 -1.97 12.66 4.72
C PRO A 22 -2.38 13.42 3.47
N VAL A 23 -3.10 12.74 2.61
CA VAL A 23 -3.56 13.28 1.34
C VAL A 23 -5.07 13.21 1.22
N HIS A 24 -5.66 14.24 0.61
CA HIS A 24 -7.10 14.26 0.40
C HIS A 24 -7.43 13.59 -0.94
N TRP A 25 -7.69 12.29 -0.90
CA TRP A 25 -8.03 11.54 -2.10
C TRP A 25 -9.52 11.68 -2.42
N VAL A 26 -9.86 11.63 -3.72
CA VAL A 26 -11.22 11.70 -4.19
C VAL A 26 -11.39 10.85 -5.43
N SER A 27 -12.63 10.49 -5.75
CA SER A 27 -12.93 9.70 -6.93
C SER A 27 -13.73 10.55 -7.91
N VAL A 28 -13.86 10.09 -9.15
CA VAL A 28 -14.60 10.82 -10.14
C VAL A 28 -16.05 10.94 -9.65
N ALA A 29 -16.58 9.84 -9.11
CA ALA A 29 -17.97 9.83 -8.62
C ALA A 29 -18.19 10.88 -7.53
N GLN A 30 -17.22 11.06 -6.64
CA GLN A 30 -17.36 12.05 -5.58
C GLN A 30 -17.33 13.46 -6.18
N ILE A 31 -16.53 13.66 -7.23
CA ILE A 31 -16.45 14.98 -7.83
C ILE A 31 -17.80 15.25 -8.47
N GLU A 32 -18.33 14.27 -9.19
CA GLU A 32 -19.64 14.44 -9.81
C GLU A 32 -20.68 14.79 -8.75
N ASN A 33 -20.70 14.01 -7.67
CA ASN A 33 -21.65 14.26 -6.60
C ASN A 33 -21.55 15.67 -6.04
N SER A 34 -20.35 16.20 -5.90
CA SER A 34 -20.17 17.55 -5.38
C SER A 34 -20.70 18.63 -6.32
N LEU A 35 -20.95 18.25 -7.57
CA LEU A 35 -21.46 19.18 -8.58
C LEU A 35 -22.95 19.03 -8.83
N THR A 36 -23.63 18.24 -7.99
CA THR A 36 -25.06 17.99 -8.12
C THR A 36 -25.88 19.28 -8.08
N GLY A 37 -26.70 19.50 -9.09
CA GLY A 37 -27.53 20.69 -9.11
C GLY A 37 -26.90 21.94 -9.71
N ARG A 38 -25.59 21.96 -9.87
CA ARG A 38 -24.95 23.13 -10.46
C ARG A 38 -25.20 23.15 -11.96
N PRO A 39 -25.64 24.29 -12.50
CA PRO A 39 -25.90 24.38 -13.94
C PRO A 39 -24.57 24.25 -14.71
N PRO A 40 -24.63 24.05 -16.03
CA PRO A 40 -23.42 23.91 -16.85
C PRO A 40 -22.39 25.02 -16.59
N MET A 41 -21.12 24.67 -16.67
CA MET A 41 -20.04 25.62 -16.42
C MET A 41 -18.82 25.30 -17.28
N ALA A 42 -17.78 26.10 -17.13
CA ALA A 42 -16.55 25.89 -17.87
C ALA A 42 -15.53 25.23 -16.95
N VAL A 43 -14.89 24.18 -17.46
CA VAL A 43 -13.86 23.44 -16.71
C VAL A 43 -12.65 23.23 -17.63
N GLY A 44 -11.45 23.22 -17.06
CA GLY A 44 -10.26 23.03 -17.87
C GLY A 44 -9.31 21.92 -17.48
N PHE A 45 -8.65 21.35 -18.49
CA PHE A 45 -7.68 20.28 -18.29
C PHE A 45 -6.31 20.64 -18.86
N ASP A 46 -5.26 20.26 -18.14
CA ASP A 46 -3.90 20.43 -18.60
C ASP A 46 -3.87 19.30 -19.63
N ILE A 47 -2.88 19.24 -20.50
CA ILE A 47 -2.87 18.13 -21.45
C ILE A 47 -1.90 17.00 -21.13
N ASP A 48 -0.61 17.30 -21.12
CA ASP A 48 0.41 16.28 -20.89
C ASP A 48 0.44 15.68 -19.48
N ASP A 49 0.30 14.37 -19.43
CA ASP A 49 0.23 13.55 -18.23
C ASP A 49 -1.07 13.79 -17.44
N THR A 50 -1.96 14.60 -18.00
CA THR A 50 -3.26 14.84 -17.36
C THR A 50 -4.29 14.05 -18.17
N VAL A 51 -4.41 14.34 -19.46
CA VAL A 51 -5.35 13.61 -20.32
C VAL A 51 -4.62 12.69 -21.30
N LEU A 52 -3.35 12.97 -21.57
CA LEU A 52 -2.57 12.15 -22.50
C LEU A 52 -1.20 11.77 -21.95
N PHE A 53 -0.82 10.52 -22.17
CA PHE A 53 0.50 10.06 -21.78
C PHE A 53 1.24 10.36 -23.07
N SER A 54 1.81 11.54 -23.15
CA SER A 54 2.48 12.00 -24.36
C SER A 54 3.99 11.83 -24.40
N SER A 55 4.57 11.25 -23.35
CA SER A 55 6.02 11.05 -23.30
C SER A 55 6.67 10.38 -24.53
N PRO A 56 5.95 9.50 -25.24
CA PRO A 56 6.58 8.87 -26.42
C PRO A 56 7.14 9.93 -27.37
N GLY A 57 6.33 10.95 -27.68
CA GLY A 57 6.77 12.01 -28.54
C GLY A 57 7.90 12.81 -27.93
N PHE A 58 7.80 13.14 -26.63
CA PHE A 58 8.86 13.89 -25.99
C PHE A 58 10.14 13.06 -25.96
N TRP A 59 9.99 11.75 -25.80
CA TRP A 59 11.14 10.87 -25.77
C TRP A 59 11.82 10.84 -27.13
N ARG A 60 11.05 10.74 -28.21
CA ARG A 60 11.69 10.74 -29.52
C ARG A 60 12.34 12.10 -29.78
N GLY A 61 11.64 13.16 -29.38
CA GLY A 61 12.19 14.50 -29.57
C GLY A 61 13.52 14.66 -28.86
N LYS A 62 13.61 14.15 -27.65
CA LYS A 62 14.83 14.26 -26.88
C LYS A 62 15.95 13.47 -27.57
N LYS A 63 15.65 12.23 -27.93
CA LYS A 63 16.62 11.37 -28.61
C LYS A 63 17.04 11.96 -29.96
N THR A 64 16.21 12.82 -30.53
CA THR A 64 16.52 13.42 -31.83
C THR A 64 17.24 14.76 -31.79
N TYR A 65 17.01 15.57 -30.75
CA TYR A 65 17.63 16.88 -30.68
C TYR A 65 18.53 17.18 -29.49
N SER A 66 18.28 16.54 -28.35
CA SER A 66 19.06 16.74 -27.13
C SER A 66 19.26 15.45 -26.39
N PRO A 67 19.98 14.49 -27.01
CA PRO A 67 20.24 13.18 -26.38
C PRO A 67 20.57 13.26 -24.88
N ASP A 68 21.46 14.17 -24.50
CA ASP A 68 21.85 14.27 -23.11
C ASP A 68 21.33 15.48 -22.34
N SER A 69 20.17 15.99 -22.73
CA SER A 69 19.61 17.15 -22.03
C SER A 69 18.16 17.40 -22.42
N ASP A 70 17.61 18.49 -21.91
CA ASP A 70 16.24 18.86 -22.22
C ASP A 70 16.19 20.10 -23.11
N ASP A 71 17.31 20.40 -23.76
CA ASP A 71 17.40 21.55 -24.64
C ASP A 71 16.40 21.47 -25.81
N TYR A 72 15.94 20.26 -26.15
CA TYR A 72 14.99 20.09 -27.25
C TYR A 72 13.64 20.76 -27.00
N LEU A 73 13.33 21.05 -25.74
CA LEU A 73 12.07 21.69 -25.37
C LEU A 73 12.04 23.14 -25.87
N LYS A 74 13.18 23.66 -26.27
CA LYS A 74 13.24 25.01 -26.78
C LYS A 74 13.59 25.02 -28.27
N ASN A 75 13.56 23.86 -28.88
CA ASN A 75 13.87 23.76 -30.31
C ASN A 75 12.59 23.80 -31.14
N PRO A 76 12.48 24.78 -32.04
CA PRO A 76 11.29 24.93 -32.90
C PRO A 76 10.96 23.73 -33.77
N ALA A 77 11.99 22.98 -34.17
CA ALA A 77 11.78 21.81 -35.02
C ALA A 77 11.07 20.71 -34.25
N PHE A 78 11.36 20.59 -32.96
CA PHE A 78 10.69 19.59 -32.13
C PHE A 78 9.20 19.88 -32.06
N TRP A 79 8.86 21.11 -31.65
CA TRP A 79 7.45 21.48 -31.52
C TRP A 79 6.60 21.35 -32.78
N GLU A 80 7.19 21.63 -33.95
CA GLU A 80 6.43 21.50 -35.20
C GLU A 80 5.94 20.06 -35.34
N LYS A 81 6.81 19.11 -35.03
CA LYS A 81 6.45 17.70 -35.14
C LYS A 81 5.58 17.21 -33.97
N MET A 82 5.88 17.68 -32.77
CA MET A 82 5.11 17.25 -31.59
C MET A 82 3.65 17.66 -31.73
N ASN A 83 3.41 18.90 -32.13
CA ASN A 83 2.05 19.42 -32.27
C ASN A 83 1.35 19.04 -33.56
N ASN A 84 2.03 18.35 -34.46
CA ASN A 84 1.38 18.00 -35.72
C ASN A 84 1.44 16.54 -36.12
N GLY A 85 1.27 15.64 -35.15
CA GLY A 85 1.29 14.22 -35.48
C GLY A 85 1.80 13.26 -34.43
N TRP A 86 2.83 13.66 -33.70
CA TRP A 86 3.37 12.76 -32.69
C TRP A 86 2.41 12.35 -31.58
N ASP A 87 1.31 13.07 -31.41
CA ASP A 87 0.35 12.69 -30.39
C ASP A 87 -0.49 11.51 -30.86
N GLU A 88 -0.16 11.00 -32.04
CA GLU A 88 -0.81 9.84 -32.61
C GLU A 88 -0.26 8.66 -31.84
N PHE A 89 0.85 8.90 -31.15
CA PHE A 89 1.50 7.89 -30.32
C PHE A 89 1.19 8.15 -28.84
N SER A 90 0.47 9.25 -28.54
CA SER A 90 0.11 9.58 -27.17
C SER A 90 -1.06 8.72 -26.72
N ILE A 91 -0.93 8.12 -25.53
CA ILE A 91 -1.98 7.25 -25.04
C ILE A 91 -2.93 7.98 -24.10
N PRO A 92 -4.21 8.00 -24.46
CA PRO A 92 -5.21 8.68 -23.62
C PRO A 92 -5.33 7.99 -22.26
N LYS A 93 -5.53 8.78 -21.20
CA LYS A 93 -5.66 8.22 -19.86
C LYS A 93 -7.11 7.89 -19.51
N GLU A 94 -7.32 6.72 -18.90
CA GLU A 94 -8.65 6.29 -18.49
C GLU A 94 -9.28 7.25 -17.48
N ALA A 95 -8.49 7.79 -16.56
CA ALA A 95 -9.02 8.73 -15.58
C ALA A 95 -9.61 9.96 -16.27
N ALA A 96 -8.96 10.39 -17.35
CA ALA A 96 -9.41 11.55 -18.11
C ALA A 96 -10.68 11.20 -18.88
N ARG A 97 -10.71 10.01 -19.43
CA ARG A 97 -11.88 9.57 -20.19
C ARG A 97 -13.14 9.65 -19.31
N GLN A 98 -13.01 9.24 -18.05
CA GLN A 98 -14.14 9.26 -17.11
C GLN A 98 -14.52 10.69 -16.70
N LEU A 99 -13.53 11.54 -16.51
CA LEU A 99 -13.77 12.92 -16.12
C LEU A 99 -14.46 13.68 -17.24
N ILE A 100 -13.97 13.48 -18.46
CA ILE A 100 -14.54 14.16 -19.61
C ILE A 100 -15.97 13.68 -19.91
N ASP A 101 -16.22 12.37 -19.84
CA ASP A 101 -17.57 11.85 -20.09
C ASP A 101 -18.51 12.48 -19.05
N MET A 102 -18.07 12.49 -17.79
CA MET A 102 -18.86 13.04 -16.70
C MET A 102 -19.24 14.50 -16.92
N HIS A 103 -18.28 15.33 -17.36
CA HIS A 103 -18.54 16.75 -17.61
C HIS A 103 -19.39 16.97 -18.87
N VAL A 104 -19.32 16.04 -19.81
CA VAL A 104 -20.09 16.15 -21.04
C VAL A 104 -21.55 15.83 -20.71
N ARG A 105 -21.77 14.84 -19.83
CA ARG A 105 -23.12 14.50 -19.42
C ARG A 105 -23.78 15.71 -18.79
N ARG A 106 -22.97 16.51 -18.10
CA ARG A 106 -23.46 17.71 -17.45
C ARG A 106 -23.68 18.88 -18.41
N GLY A 107 -23.12 18.78 -19.61
CA GLY A 107 -23.26 19.87 -20.56
C GLY A 107 -22.27 20.99 -20.30
N ASP A 108 -21.21 20.68 -19.55
CA ASP A 108 -20.19 21.68 -19.25
C ASP A 108 -19.33 21.95 -20.49
N SER A 109 -18.67 23.10 -20.51
CA SER A 109 -17.80 23.46 -21.63
C SER A 109 -16.39 22.99 -21.27
N ILE A 110 -15.78 22.24 -22.17
CA ILE A 110 -14.44 21.70 -21.92
C ILE A 110 -13.31 22.44 -22.64
N TYR A 111 -12.35 22.92 -21.85
CA TYR A 111 -11.18 23.61 -22.38
C TYR A 111 -9.90 22.87 -22.03
N PHE A 112 -8.96 22.87 -22.97
CA PHE A 112 -7.66 22.24 -22.79
C PHE A 112 -6.62 23.35 -22.87
N VAL A 113 -5.88 23.55 -21.78
CA VAL A 113 -4.85 24.58 -21.73
C VAL A 113 -3.48 23.92 -21.69
N THR A 114 -2.58 24.30 -22.60
CA THR A 114 -1.25 23.70 -22.60
C THR A 114 -0.12 24.70 -22.56
N GLY A 115 1.02 24.25 -22.03
CA GLY A 115 2.19 25.09 -21.95
C GLY A 115 3.16 24.79 -23.09
N ARG A 116 2.74 23.92 -24.02
CA ARG A 116 3.58 23.59 -25.17
C ARG A 116 3.79 24.86 -26.02
N SER A 117 4.94 24.97 -26.69
CA SER A 117 5.21 26.13 -27.54
C SER A 117 4.19 26.14 -28.65
N GLN A 118 3.60 27.30 -28.89
CA GLN A 118 2.60 27.40 -29.94
C GLN A 118 3.26 27.28 -31.31
N THR A 119 2.54 26.65 -32.23
CA THR A 119 3.06 26.47 -33.57
C THR A 119 2.03 27.01 -34.56
N LYS A 120 2.45 27.24 -35.80
CA LYS A 120 1.57 27.79 -36.82
C LYS A 120 0.30 26.94 -36.94
N THR A 121 0.48 25.62 -36.93
CA THR A 121 -0.66 24.72 -37.01
C THR A 121 -0.54 23.68 -35.90
N GLU A 122 -1.63 22.95 -35.65
CA GLU A 122 -1.65 21.91 -34.64
C GLU A 122 -2.82 20.98 -34.86
N THR A 123 -2.58 19.69 -34.60
CA THR A 123 -3.60 18.67 -34.76
C THR A 123 -3.96 18.06 -33.40
N VAL A 124 -3.46 18.67 -32.33
CA VAL A 124 -3.72 18.21 -30.97
C VAL A 124 -5.23 18.25 -30.68
N SER A 125 -5.88 19.34 -31.09
CA SER A 125 -7.31 19.51 -30.88
C SER A 125 -8.10 18.38 -31.53
N LYS A 126 -7.71 18.02 -32.75
CA LYS A 126 -8.36 16.93 -33.46
C LYS A 126 -8.13 15.60 -32.73
N THR A 127 -6.91 15.37 -32.27
CA THR A 127 -6.59 14.14 -31.55
C THR A 127 -7.41 14.01 -30.28
N LEU A 128 -7.56 15.12 -29.55
CA LEU A 128 -8.33 15.09 -28.32
C LEU A 128 -9.81 14.79 -28.56
N ALA A 129 -10.41 15.49 -29.52
CA ALA A 129 -11.81 15.31 -29.84
C ALA A 129 -12.14 13.88 -30.33
N ASP A 130 -11.26 13.28 -31.12
CA ASP A 130 -11.51 11.92 -31.61
C ASP A 130 -11.33 10.88 -30.50
N ASN A 131 -10.23 10.97 -29.77
CA ASN A 131 -9.96 10.01 -28.70
C ASN A 131 -11.01 10.03 -27.58
N PHE A 132 -11.50 11.21 -27.23
CA PHE A 132 -12.47 11.32 -26.15
C PHE A 132 -13.91 11.54 -26.59
N HIS A 133 -14.17 11.37 -27.88
CA HIS A 133 -15.50 11.55 -28.44
C HIS A 133 -16.22 12.76 -27.86
N ILE A 134 -15.55 13.90 -27.88
CA ILE A 134 -16.15 15.12 -27.36
C ILE A 134 -17.10 15.70 -28.39
N PRO A 135 -18.36 15.96 -28.00
CA PRO A 135 -19.36 16.52 -28.91
C PRO A 135 -19.00 17.96 -29.28
N ALA A 136 -19.28 18.33 -30.52
CA ALA A 136 -18.99 19.68 -30.99
C ALA A 136 -19.42 20.78 -30.01
N ALA A 137 -20.57 20.60 -29.39
CA ALA A 137 -21.08 21.59 -28.46
C ALA A 137 -20.23 21.77 -27.20
N ASN A 138 -19.43 20.78 -26.84
CA ASN A 138 -18.61 20.92 -25.63
C ASN A 138 -17.14 21.14 -25.93
N MET A 139 -16.72 20.87 -27.15
CA MET A 139 -15.32 21.00 -27.56
C MET A 139 -14.87 22.42 -27.88
N ASN A 140 -13.63 22.72 -27.53
CA ASN A 140 -13.03 24.02 -27.79
C ASN A 140 -11.59 23.79 -28.19
N PRO A 141 -11.08 24.59 -29.14
CA PRO A 141 -9.70 24.46 -29.63
C PRO A 141 -8.68 24.57 -28.49
N VAL A 142 -7.59 23.82 -28.60
CA VAL A 142 -6.56 23.86 -27.58
C VAL A 142 -6.01 25.28 -27.40
N ILE A 143 -5.88 25.69 -26.15
CA ILE A 143 -5.37 27.01 -25.79
C ILE A 143 -3.91 26.87 -25.41
N PHE A 144 -3.04 27.63 -26.08
CA PHE A 144 -1.61 27.60 -25.80
C PHE A 144 -1.26 28.83 -24.99
N ALA A 145 -1.09 28.65 -23.68
CA ALA A 145 -0.77 29.75 -22.79
C ALA A 145 0.74 29.92 -22.70
N GLY A 146 1.20 31.11 -22.34
CA GLY A 146 2.62 31.37 -22.24
C GLY A 146 2.94 32.81 -21.88
N ASP A 147 4.23 33.12 -21.73
CA ASP A 147 4.66 34.47 -21.36
C ASP A 147 4.89 35.44 -22.50
N LYS A 148 4.74 34.95 -23.73
CA LYS A 148 4.90 35.78 -24.93
C LYS A 148 3.95 36.96 -24.87
N PRO A 149 4.24 38.03 -25.64
CA PRO A 149 3.38 39.23 -25.67
C PRO A 149 2.03 39.00 -26.38
N GLU A 150 2.02 38.11 -27.36
CA GLU A 150 0.79 37.82 -28.10
C GLU A 150 0.03 36.68 -27.41
N GLN A 151 0.57 36.21 -26.29
CA GLN A 151 -0.04 35.13 -25.53
C GLN A 151 -0.57 35.64 -24.20
N ASN A 152 -1.50 34.89 -23.64
CA ASN A 152 -2.06 35.20 -22.33
C ASN A 152 -1.57 34.07 -21.45
N THR A 153 -1.26 34.37 -20.19
CA THR A 153 -0.77 33.35 -19.27
C THR A 153 -1.89 32.36 -18.94
N LYS A 154 -1.53 31.27 -18.28
CA LYS A 154 -2.52 30.25 -17.92
C LYS A 154 -3.58 30.85 -17.01
N VAL A 155 -3.15 31.62 -16.01
CA VAL A 155 -4.07 32.24 -15.07
C VAL A 155 -5.07 33.17 -15.76
N GLN A 156 -4.61 33.92 -16.76
CA GLN A 156 -5.50 34.83 -17.47
C GLN A 156 -6.53 34.06 -18.27
N TRP A 157 -6.13 32.93 -18.82
CA TRP A 157 -7.05 32.11 -19.60
C TRP A 157 -8.11 31.45 -18.74
N LEU A 158 -7.75 31.13 -17.50
CA LEU A 158 -8.70 30.51 -16.59
C LEU A 158 -9.75 31.54 -16.21
N GLN A 159 -9.33 32.79 -16.04
CA GLN A 159 -10.26 33.86 -15.66
C GLN A 159 -11.12 34.26 -16.87
N GLU A 160 -10.46 34.42 -18.01
CA GLU A 160 -11.09 34.81 -19.25
C GLU A 160 -12.26 33.90 -19.64
N LYS A 161 -12.04 32.60 -19.56
CA LYS A 161 -13.07 31.64 -19.91
C LYS A 161 -13.97 31.26 -18.72
N ASN A 162 -13.67 31.85 -17.58
CA ASN A 162 -14.41 31.62 -16.34
C ASN A 162 -14.49 30.14 -15.96
N MET A 163 -13.34 29.49 -15.97
CA MET A 163 -13.26 28.09 -15.59
C MET A 163 -13.44 27.99 -14.08
N ARG A 164 -14.24 27.03 -13.63
CA ARG A 164 -14.48 26.87 -12.20
C ARG A 164 -13.66 25.71 -11.63
N ILE A 165 -13.19 24.83 -12.50
CA ILE A 165 -12.36 23.69 -12.08
C ILE A 165 -11.21 23.51 -13.08
N PHE A 166 -10.02 23.25 -12.57
CA PHE A 166 -8.88 23.00 -13.44
C PHE A 166 -8.18 21.71 -12.98
N TYR A 167 -7.98 20.80 -13.93
CA TYR A 167 -7.32 19.51 -13.67
C TYR A 167 -5.89 19.47 -14.21
N GLY A 168 -4.97 18.99 -13.39
CA GLY A 168 -3.58 18.90 -13.82
C GLY A 168 -2.73 18.06 -12.90
N ASP A 169 -1.60 17.61 -13.43
CA ASP A 169 -0.64 16.79 -12.70
C ASP A 169 0.53 17.58 -12.11
N SER A 170 0.78 18.78 -12.63
CA SER A 170 1.92 19.57 -12.16
C SER A 170 1.60 20.63 -11.12
N ASP A 171 2.61 21.05 -10.38
CA ASP A 171 2.39 22.06 -9.34
C ASP A 171 1.88 23.37 -9.91
N ASN A 172 2.39 23.79 -11.07
CA ASN A 172 1.93 25.06 -11.63
C ASN A 172 0.49 24.98 -12.08
N ASP A 173 -0.03 23.76 -12.24
CA ASP A 173 -1.43 23.61 -12.61
C ASP A 173 -2.29 23.92 -11.38
N ILE A 174 -1.85 23.44 -10.21
CA ILE A 174 -2.58 23.68 -8.98
C ILE A 174 -2.48 25.14 -8.52
N THR A 175 -1.28 25.72 -8.61
CA THR A 175 -1.10 27.09 -8.16
C THR A 175 -1.84 28.09 -9.04
N ALA A 176 -2.00 27.76 -10.32
CA ALA A 176 -2.72 28.61 -11.24
C ALA A 176 -4.17 28.65 -10.76
N ALA A 177 -4.73 27.48 -10.46
CA ALA A 177 -6.11 27.42 -9.98
C ALA A 177 -6.29 28.19 -8.67
N ARG A 178 -5.33 28.09 -7.77
CA ARG A 178 -5.43 28.79 -6.50
C ARG A 178 -5.30 30.30 -6.66
N ASP A 179 -4.53 30.75 -7.65
CA ASP A 179 -4.37 32.18 -7.87
C ASP A 179 -5.66 32.77 -8.42
N CYS A 180 -6.50 31.90 -9.02
CA CYS A 180 -7.77 32.34 -9.58
C CYS A 180 -8.91 32.13 -8.60
N GLY A 181 -8.61 31.52 -7.46
CA GLY A 181 -9.65 31.26 -6.49
C GLY A 181 -10.56 30.14 -6.92
N ILE A 182 -10.15 29.33 -7.91
CA ILE A 182 -10.98 28.22 -8.32
C ILE A 182 -10.44 26.89 -7.81
N ARG A 183 -11.24 25.84 -8.02
CA ARG A 183 -10.92 24.49 -7.56
C ARG A 183 -9.92 23.75 -8.44
N GLY A 184 -8.70 23.56 -7.93
CA GLY A 184 -7.68 22.84 -8.68
C GLY A 184 -7.59 21.42 -8.21
N ILE A 185 -7.76 20.47 -9.12
CA ILE A 185 -7.72 19.05 -8.77
C ILE A 185 -6.54 18.35 -9.42
N ARG A 186 -5.73 17.67 -8.60
CA ARG A 186 -4.55 16.97 -9.07
C ARG A 186 -4.78 15.58 -9.66
N ILE A 187 -4.11 15.33 -10.78
CA ILE A 187 -4.12 14.05 -11.50
C ILE A 187 -2.69 13.49 -11.30
N LEU A 188 -2.58 12.18 -11.13
CA LEU A 188 -1.27 11.56 -10.90
C LEU A 188 -0.50 11.28 -12.20
N ARG A 189 0.76 11.69 -12.23
CA ARG A 189 1.64 11.46 -13.37
C ARG A 189 2.13 10.03 -13.30
N ALA A 190 2.03 9.30 -14.42
CA ALA A 190 2.45 7.91 -14.48
C ALA A 190 3.92 7.77 -14.11
N ALA A 191 4.28 6.63 -13.52
CA ALA A 191 5.65 6.39 -13.12
C ALA A 191 6.61 6.27 -14.32
N ASN A 192 6.10 5.88 -15.48
CA ASN A 192 6.95 5.73 -16.66
C ASN A 192 6.95 6.95 -17.58
N SER A 193 6.49 8.08 -17.05
CA SER A 193 6.51 9.33 -17.81
C SER A 193 7.99 9.69 -17.88
N THR A 194 8.41 10.44 -18.89
CA THR A 194 9.81 10.82 -18.96
C THR A 194 10.02 12.17 -18.30
N TYR A 195 8.92 12.77 -17.86
CA TYR A 195 9.01 14.06 -17.21
C TYR A 195 9.22 13.79 -15.72
N LYS A 196 10.48 13.82 -15.29
CA LYS A 196 10.86 13.55 -13.91
C LYS A 196 11.54 14.76 -13.28
N PRO A 197 11.56 14.82 -11.94
CA PRO A 197 10.96 13.82 -11.06
C PRO A 197 9.43 13.94 -10.98
N LEU A 198 8.77 12.91 -10.46
CA LEU A 198 7.32 12.94 -10.33
C LEU A 198 6.98 13.99 -9.29
N PRO A 199 5.92 14.77 -9.50
CA PRO A 199 5.60 15.77 -8.47
C PRO A 199 4.95 15.15 -7.23
N GLN A 200 4.94 15.88 -6.14
CA GLN A 200 4.30 15.41 -4.92
C GLN A 200 2.82 15.80 -4.94
N ALA A 201 1.96 14.85 -5.30
CA ALA A 201 0.52 15.10 -5.33
C ALA A 201 0.02 15.38 -3.91
N GLY A 202 -0.70 16.48 -3.72
CA GLY A 202 -1.22 16.82 -2.40
C GLY A 202 -0.40 17.84 -1.63
N ALA A 203 0.73 18.23 -2.20
CA ALA A 203 1.63 19.21 -1.57
C ALA A 203 0.99 20.56 -1.27
N PHE A 204 -0.19 20.81 -1.81
CA PHE A 204 -0.90 22.09 -1.57
C PHE A 204 -2.21 21.84 -0.83
N GLY A 205 -2.39 20.61 -0.34
CA GLY A 205 -3.61 20.30 0.37
C GLY A 205 -4.78 20.15 -0.58
N GLU A 206 -4.50 20.05 -1.87
CA GLU A 206 -5.53 19.90 -2.89
C GLU A 206 -6.05 18.47 -2.98
N GLU A 207 -7.20 18.33 -3.63
CA GLU A 207 -7.79 17.02 -3.85
C GLU A 207 -6.95 16.31 -4.90
N VAL A 208 -6.86 14.99 -4.81
CA VAL A 208 -6.11 14.18 -5.77
C VAL A 208 -6.98 12.99 -6.15
N ILE A 209 -7.20 12.82 -7.44
CA ILE A 209 -8.03 11.74 -7.95
C ILE A 209 -7.33 10.39 -7.82
N VAL A 210 -8.01 9.44 -7.19
CA VAL A 210 -7.44 8.11 -7.01
C VAL A 210 -7.26 7.40 -8.35
N ASN A 211 -6.27 6.51 -8.41
CA ASN A 211 -5.98 5.72 -9.59
C ASN A 211 -5.90 6.51 -10.90
N SER A 212 -5.51 7.77 -10.83
CA SER A 212 -5.45 8.58 -12.04
C SER A 212 -4.12 8.53 -12.81
N GLU A 213 -3.28 7.54 -12.53
CA GLU A 213 -2.00 7.40 -13.21
C GLU A 213 -2.15 6.80 -14.62
N TYR A 214 -3.31 6.22 -14.90
CA TYR A 214 -3.57 5.62 -16.22
C TYR A 214 -4.94 5.97 -16.75
N PRO B 5 -18.46 -1.38 -4.63
CA PRO B 5 -17.75 -0.94 -5.86
C PRO B 5 -18.33 0.38 -6.36
N SER B 6 -19.65 0.47 -6.36
CA SER B 6 -20.33 1.69 -6.79
C SER B 6 -20.60 2.63 -5.63
N THR B 7 -20.21 2.23 -4.42
CA THR B 7 -20.45 3.08 -3.26
C THR B 7 -19.65 4.37 -3.38
N LEU B 8 -20.29 5.48 -3.04
CA LEU B 8 -19.69 6.80 -3.12
C LEU B 8 -18.54 7.01 -2.11
N ASN B 9 -18.78 6.64 -0.86
CA ASN B 9 -17.78 6.77 0.20
C ASN B 9 -17.50 5.38 0.77
N PRO B 10 -16.71 4.56 0.06
CA PRO B 10 -16.35 3.20 0.46
C PRO B 10 -15.55 3.10 1.75
N GLY B 11 -14.71 4.10 2.00
CA GLY B 11 -13.85 4.08 3.18
C GLY B 11 -12.86 2.93 3.10
N THR B 12 -12.18 2.65 4.20
CA THR B 12 -11.23 1.52 4.26
C THR B 12 -10.99 1.20 5.73
N ASN B 13 -10.14 0.21 5.99
CA ASN B 13 -9.80 -0.18 7.37
C ASN B 13 -8.33 -0.62 7.35
N VAL B 14 -7.70 -0.63 8.52
CA VAL B 14 -6.29 -0.95 8.58
C VAL B 14 -5.89 -2.38 8.21
N ALA B 15 -6.83 -3.33 8.21
CA ALA B 15 -6.48 -4.70 7.82
C ALA B 15 -6.31 -4.72 6.31
N LYS B 16 -7.18 -3.98 5.62
CA LYS B 16 -7.14 -3.90 4.16
C LYS B 16 -5.92 -3.09 3.73
N LEU B 17 -5.61 -2.01 4.45
CA LEU B 17 -4.45 -1.19 4.10
C LEU B 17 -3.13 -1.97 4.19
N ALA B 18 -3.02 -2.88 5.16
CA ALA B 18 -1.80 -3.67 5.34
C ALA B 18 -1.79 -5.01 4.62
N GLU B 19 -2.89 -5.38 3.98
CA GLU B 19 -3.01 -6.65 3.29
C GLU B 19 -1.98 -6.85 2.16
N GLN B 20 -1.33 -8.00 2.17
CA GLN B 20 -0.31 -8.34 1.18
C GLN B 20 -0.64 -9.63 0.45
N ALA B 21 -0.43 -9.63 -0.85
CA ALA B 21 -0.63 -10.86 -1.62
C ALA B 21 0.59 -11.72 -1.31
N PRO B 22 0.40 -13.05 -1.21
CA PRO B 22 1.56 -13.90 -0.92
C PRO B 22 2.39 -14.06 -2.19
N VAL B 23 3.30 -13.12 -2.41
CA VAL B 23 4.16 -13.08 -3.59
C VAL B 23 5.63 -13.02 -3.21
N HIS B 24 6.48 -13.64 -4.03
CA HIS B 24 7.91 -13.64 -3.75
C HIS B 24 8.63 -12.51 -4.49
N TRP B 25 8.76 -11.37 -3.81
CA TRP B 25 9.42 -10.22 -4.40
C TRP B 25 10.92 -10.32 -4.25
N VAL B 26 11.65 -9.84 -5.25
CA VAL B 26 13.10 -9.82 -5.19
C VAL B 26 13.56 -8.49 -5.77
N SER B 27 14.79 -8.11 -5.46
CA SER B 27 15.34 -6.89 -6.00
C SER B 27 16.46 -7.27 -6.96
N VAL B 28 16.90 -6.30 -7.75
CA VAL B 28 17.98 -6.55 -8.69
C VAL B 28 19.24 -6.91 -7.90
N ALA B 29 19.46 -6.22 -6.79
CA ALA B 29 20.63 -6.49 -5.96
C ALA B 29 20.63 -7.92 -5.45
N GLN B 30 19.45 -8.46 -5.11
CA GLN B 30 19.39 -9.84 -4.63
C GLN B 30 19.70 -10.78 -5.77
N ILE B 31 19.19 -10.46 -6.97
CA ILE B 31 19.45 -11.30 -8.12
C ILE B 31 20.96 -11.35 -8.39
N GLU B 32 21.60 -10.18 -8.42
CA GLU B 32 23.03 -10.14 -8.65
C GLU B 32 23.79 -10.98 -7.61
N ASN B 33 23.43 -10.83 -6.34
CA ASN B 33 24.08 -11.58 -5.29
C ASN B 33 23.91 -13.08 -5.48
N SER B 34 22.79 -13.51 -6.04
CA SER B 34 22.56 -14.92 -6.26
C SER B 34 23.38 -15.45 -7.45
N LEU B 35 24.00 -14.54 -8.20
CA LEU B 35 24.80 -14.94 -9.34
C LEU B 35 26.30 -14.86 -9.03
N THR B 36 26.64 -14.31 -7.88
CA THR B 36 28.05 -14.17 -7.49
C THR B 36 28.87 -15.44 -7.69
N GLY B 37 30.02 -15.28 -8.32
CA GLY B 37 30.89 -16.42 -8.56
C GLY B 37 30.62 -17.15 -9.85
N ARG B 38 29.35 -17.17 -10.28
CA ARG B 38 29.00 -17.88 -11.51
C ARG B 38 29.63 -17.22 -12.73
N PRO B 39 30.18 -18.04 -13.65
CA PRO B 39 30.83 -17.56 -14.88
C PRO B 39 29.81 -17.03 -15.88
N PRO B 40 30.27 -16.29 -16.91
CA PRO B 40 29.37 -15.74 -17.92
C PRO B 40 28.38 -16.80 -18.44
N MET B 41 27.14 -16.38 -18.66
CA MET B 41 26.12 -17.30 -19.16
C MET B 41 25.23 -16.59 -20.17
N ALA B 42 24.27 -17.31 -20.74
CA ALA B 42 23.35 -16.71 -21.68
C ALA B 42 22.08 -16.36 -20.90
N VAL B 43 21.51 -15.19 -21.14
CA VAL B 43 20.28 -14.76 -20.48
C VAL B 43 19.36 -14.14 -21.51
N GLY B 44 18.06 -14.32 -21.33
CA GLY B 44 17.10 -13.76 -22.27
C GLY B 44 16.11 -12.79 -21.64
N PHE B 45 15.61 -11.88 -22.47
CA PHE B 45 14.63 -10.88 -22.06
C PHE B 45 13.52 -10.86 -23.09
N ASP B 46 12.28 -10.80 -22.64
CA ASP B 46 11.14 -10.68 -23.53
C ASP B 46 11.25 -9.18 -23.87
N ILE B 47 10.62 -8.71 -24.93
CA ILE B 47 10.76 -7.29 -25.23
C ILE B 47 9.67 -6.37 -24.70
N ASP B 48 8.46 -6.53 -25.22
CA ASP B 48 7.34 -5.68 -24.86
C ASP B 48 6.85 -5.75 -23.40
N ASP B 49 6.93 -4.60 -22.75
CA ASP B 49 6.55 -4.42 -21.35
C ASP B 49 7.54 -5.09 -20.40
N THR B 50 8.68 -5.53 -20.93
CA THR B 50 9.72 -6.11 -20.11
C THR B 50 10.91 -5.15 -20.18
N VAL B 51 11.37 -4.83 -21.38
CA VAL B 51 12.48 -3.86 -21.53
C VAL B 51 12.02 -2.56 -22.19
N LEU B 52 10.93 -2.63 -22.96
CA LEU B 52 10.37 -1.46 -23.63
C LEU B 52 8.87 -1.23 -23.41
N PHE B 53 8.48 0.00 -23.13
CA PHE B 53 7.07 0.30 -23.03
C PHE B 53 6.76 0.63 -24.49
N SER B 54 6.29 -0.36 -25.24
CA SER B 54 6.01 -0.17 -26.65
C SER B 54 4.57 0.12 -27.03
N SER B 55 3.70 0.28 -26.05
CA SER B 55 2.30 0.54 -26.35
C SER B 55 2.03 1.68 -27.34
N PRO B 56 2.86 2.73 -27.33
CA PRO B 56 2.62 3.85 -28.26
C PRO B 56 2.45 3.38 -29.70
N GLY B 57 3.32 2.49 -30.14
CA GLY B 57 3.25 1.97 -31.48
C GLY B 57 2.05 1.10 -31.75
N PHE B 58 1.69 0.24 -30.78
CA PHE B 58 0.55 -0.63 -30.95
C PHE B 58 -0.74 0.19 -30.93
N TRP B 59 -0.75 1.27 -30.14
CA TRP B 59 -1.92 2.13 -30.05
C TRP B 59 -2.15 2.80 -31.41
N ARG B 60 -1.08 3.37 -31.96
CA ARG B 60 -1.19 4.02 -33.26
C ARG B 60 -1.49 2.99 -34.33
N GLY B 61 -0.96 1.79 -34.16
CA GLY B 61 -1.21 0.74 -35.14
C GLY B 61 -2.67 0.33 -35.18
N LYS B 62 -3.28 0.16 -34.01
CA LYS B 62 -4.67 -0.23 -33.93
C LYS B 62 -5.57 0.89 -34.46
N LYS B 63 -5.21 2.13 -34.13
CA LYS B 63 -5.97 3.30 -34.53
C LYS B 63 -5.87 3.46 -36.04
N THR B 64 -4.78 2.97 -36.63
CA THR B 64 -4.57 3.09 -38.07
C THR B 64 -5.09 1.94 -38.93
N TYR B 65 -5.04 0.71 -38.41
CA TYR B 65 -5.49 -0.44 -39.20
C TYR B 65 -6.67 -1.26 -38.66
N SER B 66 -7.08 -1.04 -37.41
CA SER B 66 -8.20 -1.79 -36.83
C SER B 66 -8.90 -1.00 -35.76
N PRO B 67 -9.37 0.21 -36.09
CA PRO B 67 -10.07 1.07 -35.14
C PRO B 67 -11.00 0.32 -34.20
N ASP B 68 -11.79 -0.59 -34.76
CA ASP B 68 -12.75 -1.36 -33.96
C ASP B 68 -12.40 -2.80 -33.65
N SER B 69 -11.11 -3.14 -33.56
CA SER B 69 -10.74 -4.53 -33.26
C SER B 69 -9.24 -4.69 -33.10
N ASP B 70 -8.82 -5.95 -32.97
CA ASP B 70 -7.41 -6.30 -32.81
C ASP B 70 -6.86 -6.94 -34.09
N ASP B 71 -7.50 -6.69 -35.22
CA ASP B 71 -7.04 -7.28 -36.47
C ASP B 71 -5.65 -6.80 -36.90
N TYR B 72 -5.26 -5.61 -36.48
CA TYR B 72 -3.96 -5.08 -36.89
C TYR B 72 -2.79 -6.00 -36.54
N LEU B 73 -2.93 -6.80 -35.49
CA LEU B 73 -1.87 -7.71 -35.06
C LEU B 73 -1.64 -8.81 -36.10
N LYS B 74 -2.47 -8.82 -37.13
CA LYS B 74 -2.39 -9.79 -38.22
C LYS B 74 -2.07 -9.10 -39.54
N ASN B 75 -2.01 -7.78 -39.54
CA ASN B 75 -1.72 -7.02 -40.75
C ASN B 75 -0.22 -6.80 -40.96
N PRO B 76 0.32 -7.26 -42.09
CA PRO B 76 1.75 -7.13 -42.42
C PRO B 76 2.21 -5.66 -42.48
N ALA B 77 1.31 -4.78 -42.89
CA ALA B 77 1.64 -3.36 -42.98
C ALA B 77 1.96 -2.81 -41.60
N PHE B 78 1.23 -3.29 -40.59
CA PHE B 78 1.46 -2.85 -39.22
C PHE B 78 2.85 -3.27 -38.74
N TRP B 79 3.17 -4.56 -38.86
CA TRP B 79 4.46 -5.04 -38.42
C TRP B 79 5.63 -4.36 -39.14
N GLU B 80 5.46 -4.01 -40.42
CA GLU B 80 6.53 -3.32 -41.13
C GLU B 80 6.88 -2.03 -40.40
N LYS B 81 5.86 -1.25 -40.05
CA LYS B 81 6.03 0.01 -39.34
C LYS B 81 6.61 -0.22 -37.94
N MET B 82 5.99 -1.14 -37.20
CA MET B 82 6.38 -1.47 -35.84
C MET B 82 7.83 -1.93 -35.68
N ASN B 83 8.29 -2.82 -36.55
CA ASN B 83 9.66 -3.33 -36.43
C ASN B 83 10.73 -2.52 -37.13
N ASN B 84 10.32 -1.43 -37.80
CA ASN B 84 11.29 -0.61 -38.51
C ASN B 84 11.18 0.89 -38.22
N GLY B 85 11.00 1.24 -36.95
CA GLY B 85 10.92 2.65 -36.62
C GLY B 85 10.00 3.09 -35.49
N TRP B 86 8.81 2.49 -35.38
CA TRP B 86 7.90 2.90 -34.32
C TRP B 86 8.43 2.73 -32.91
N ASP B 87 9.50 1.94 -32.75
CA ASP B 87 10.10 1.77 -31.44
C ASP B 87 10.94 2.97 -31.01
N GLU B 88 11.01 3.97 -31.89
CA GLU B 88 11.72 5.20 -31.57
C GLU B 88 10.83 5.90 -30.55
N PHE B 89 9.55 5.51 -30.55
CA PHE B 89 8.57 6.07 -29.63
C PHE B 89 8.39 5.18 -28.40
N SER B 90 9.08 4.04 -28.38
CA SER B 90 9.02 3.12 -27.26
C SER B 90 9.90 3.65 -26.14
N ILE B 91 9.40 3.62 -24.92
CA ILE B 91 10.12 4.11 -23.76
C ILE B 91 10.82 2.97 -23.02
N PRO B 92 12.15 3.03 -22.92
CA PRO B 92 12.90 1.99 -22.23
C PRO B 92 12.63 2.01 -20.72
N LYS B 93 12.52 0.84 -20.10
CA LYS B 93 12.25 0.73 -18.67
C LYS B 93 13.51 0.81 -17.82
N GLU B 94 13.40 1.44 -16.66
CA GLU B 94 14.53 1.58 -15.73
C GLU B 94 14.96 0.26 -15.11
N ALA B 95 13.98 -0.59 -14.80
CA ALA B 95 14.27 -1.90 -14.22
C ALA B 95 15.12 -2.67 -15.21
N ALA B 96 14.82 -2.50 -16.50
CA ALA B 96 15.56 -3.16 -17.57
C ALA B 96 16.99 -2.64 -17.64
N ARG B 97 17.18 -1.33 -17.55
CA ARG B 97 18.53 -0.77 -17.57
C ARG B 97 19.37 -1.40 -16.47
N GLN B 98 18.82 -1.43 -15.26
CA GLN B 98 19.53 -1.99 -14.11
C GLN B 98 19.92 -3.45 -14.32
N LEU B 99 18.99 -4.23 -14.86
CA LEU B 99 19.25 -5.64 -15.11
C LEU B 99 20.28 -5.83 -16.21
N ILE B 100 20.13 -5.12 -17.32
CA ILE B 100 21.08 -5.24 -18.42
C ILE B 100 22.45 -4.73 -18.01
N ASP B 101 22.50 -3.65 -17.25
CA ASP B 101 23.78 -3.11 -16.79
C ASP B 101 24.50 -4.17 -15.98
N MET B 102 23.76 -4.82 -15.10
CA MET B 102 24.32 -5.84 -14.24
C MET B 102 24.82 -7.05 -15.02
N HIS B 103 24.03 -7.55 -15.98
CA HIS B 103 24.49 -8.70 -16.76
C HIS B 103 25.70 -8.33 -17.64
N VAL B 104 25.80 -7.05 -18.01
CA VAL B 104 26.92 -6.59 -18.82
C VAL B 104 28.20 -6.59 -17.99
N ARG B 105 28.10 -6.13 -16.74
CA ARG B 105 29.27 -6.14 -15.89
C ARG B 105 29.76 -7.56 -15.67
N ARG B 106 28.82 -8.51 -15.64
CA ARG B 106 29.13 -9.92 -15.45
C ARG B 106 29.76 -10.51 -16.69
N GLY B 107 29.47 -9.91 -17.84
CA GLY B 107 29.99 -10.39 -19.10
C GLY B 107 29.09 -11.40 -19.78
N ASP B 108 27.84 -11.52 -19.31
CA ASP B 108 26.90 -12.47 -19.89
C ASP B 108 26.48 -12.09 -21.32
N SER B 109 25.95 -13.07 -22.05
CA SER B 109 25.49 -12.86 -23.41
C SER B 109 24.00 -12.56 -23.30
N ILE B 110 23.59 -11.43 -23.86
CA ILE B 110 22.20 -11.01 -23.77
C ILE B 110 21.38 -11.25 -25.02
N TYR B 111 20.25 -11.94 -24.84
CA TYR B 111 19.32 -12.25 -25.92
C TYR B 111 17.94 -11.64 -25.68
N PHE B 112 17.31 -11.19 -26.77
CA PHE B 112 16.00 -10.61 -26.74
C PHE B 112 15.13 -11.54 -27.60
N VAL B 113 14.04 -12.02 -27.02
CA VAL B 113 13.13 -12.93 -27.70
C VAL B 113 11.77 -12.28 -27.75
N THR B 114 11.19 -12.22 -28.94
CA THR B 114 9.90 -11.58 -29.09
C THR B 114 8.90 -12.40 -29.88
N GLY B 115 7.63 -12.21 -29.54
CA GLY B 115 6.55 -12.90 -30.21
C GLY B 115 6.01 -12.04 -31.33
N ARG B 116 6.68 -10.93 -31.63
CA ARG B 116 6.27 -10.04 -32.71
C ARG B 116 6.42 -10.78 -34.06
N SER B 117 5.54 -10.48 -35.01
CA SER B 117 5.62 -11.11 -36.33
C SER B 117 6.92 -10.69 -36.98
N GLN B 118 7.60 -11.64 -37.61
CA GLN B 118 8.87 -11.37 -38.25
C GLN B 118 8.73 -10.70 -39.62
N THR B 119 9.59 -9.73 -39.88
CA THR B 119 9.60 -9.00 -41.14
C THR B 119 10.98 -9.14 -41.79
N LYS B 120 11.07 -8.77 -43.06
CA LYS B 120 12.33 -8.85 -43.79
C LYS B 120 13.47 -8.03 -43.16
N THR B 121 13.14 -6.86 -42.63
CA THR B 121 14.14 -6.03 -41.98
C THR B 121 13.62 -5.63 -40.62
N GLU B 122 14.50 -5.12 -39.77
CA GLU B 122 14.11 -4.67 -38.44
C GLU B 122 15.19 -3.82 -37.82
N THR B 123 14.76 -2.73 -37.19
CA THR B 123 15.69 -1.82 -36.55
C THR B 123 15.58 -1.92 -35.03
N VAL B 124 14.86 -2.94 -34.57
CA VAL B 124 14.68 -3.16 -33.13
C VAL B 124 15.99 -3.45 -32.42
N SER B 125 16.80 -4.34 -32.99
CA SER B 125 18.09 -4.68 -32.38
C SER B 125 18.96 -3.43 -32.16
N LYS B 126 18.98 -2.57 -33.17
CA LYS B 126 19.75 -1.34 -33.12
C LYS B 126 19.20 -0.44 -32.01
N THR B 127 17.88 -0.34 -31.92
CA THR B 127 17.25 0.50 -30.89
C THR B 127 17.65 0.06 -29.49
N LEU B 128 17.62 -1.26 -29.26
CA LEU B 128 17.96 -1.80 -27.96
C LEU B 128 19.43 -1.60 -27.60
N ALA B 129 20.32 -1.92 -28.54
CA ALA B 129 21.75 -1.77 -28.29
C ALA B 129 22.08 -0.34 -27.92
N ASP B 130 21.49 0.59 -28.66
CA ASP B 130 21.74 2.01 -28.41
C ASP B 130 21.10 2.49 -27.11
N ASN B 131 19.82 2.20 -26.92
CA ASN B 131 19.12 2.63 -25.72
C ASN B 131 19.79 2.15 -24.43
N PHE B 132 20.16 0.88 -24.37
CA PHE B 132 20.78 0.32 -23.17
C PHE B 132 22.31 0.24 -23.16
N HIS B 133 22.94 0.82 -24.18
CA HIS B 133 24.41 0.84 -24.30
C HIS B 133 25.06 -0.55 -24.11
N ILE B 134 24.58 -1.54 -24.84
CA ILE B 134 25.11 -2.90 -24.74
C ILE B 134 26.36 -3.07 -25.61
N PRO B 135 27.50 -3.44 -25.01
CA PRO B 135 28.73 -3.62 -25.80
C PRO B 135 28.53 -4.70 -26.86
N ALA B 136 29.19 -4.54 -28.01
CA ALA B 136 29.06 -5.49 -29.12
C ALA B 136 29.29 -6.95 -28.76
N ALA B 137 30.14 -7.23 -27.79
CA ALA B 137 30.41 -8.61 -27.41
C ALA B 137 29.26 -9.26 -26.64
N ASN B 138 28.42 -8.45 -26.01
CA ASN B 138 27.30 -8.98 -25.23
C ASN B 138 25.96 -8.90 -25.96
N MET B 139 25.94 -8.18 -27.08
CA MET B 139 24.72 -7.99 -27.85
C MET B 139 24.50 -9.08 -28.89
N ASN B 140 23.24 -9.43 -29.09
CA ASN B 140 22.84 -10.45 -30.05
C ASN B 140 21.58 -9.91 -30.74
N PRO B 141 21.40 -10.23 -32.03
CA PRO B 141 20.24 -9.78 -32.81
C PRO B 141 18.92 -10.31 -32.24
N VAL B 142 17.89 -9.48 -32.23
CA VAL B 142 16.58 -9.89 -31.71
C VAL B 142 16.09 -11.16 -32.38
N ILE B 143 15.56 -12.07 -31.57
CA ILE B 143 15.05 -13.33 -32.06
C ILE B 143 13.53 -13.31 -32.16
N PHE B 144 12.99 -13.51 -33.36
CA PHE B 144 11.54 -13.53 -33.53
C PHE B 144 11.07 -14.97 -33.47
N ALA B 145 10.46 -15.36 -32.35
CA ALA B 145 9.97 -16.73 -32.18
C ALA B 145 8.53 -16.82 -32.66
N GLY B 146 8.09 -18.03 -33.00
CA GLY B 146 6.73 -18.20 -33.48
C GLY B 146 6.39 -19.62 -33.92
N ASP B 147 5.24 -19.76 -34.59
CA ASP B 147 4.76 -21.04 -35.10
C ASP B 147 5.24 -21.38 -36.51
N LYS B 148 5.19 -20.40 -37.40
CA LYS B 148 5.63 -20.55 -38.80
C LYS B 148 6.77 -21.57 -38.90
N PRO B 149 6.72 -22.44 -39.92
CA PRO B 149 7.76 -23.46 -40.12
C PRO B 149 9.16 -22.89 -40.33
N GLU B 150 9.24 -21.62 -40.72
CA GLU B 150 10.54 -20.98 -40.96
C GLU B 150 11.19 -20.52 -39.66
N GLN B 151 10.50 -20.71 -38.54
CA GLN B 151 11.04 -20.27 -37.24
C GLN B 151 10.89 -21.31 -36.12
N ASN B 152 11.43 -20.95 -34.95
CA ASN B 152 11.37 -21.82 -33.78
C ASN B 152 10.53 -21.15 -32.69
N THR B 153 10.05 -21.94 -31.74
CA THR B 153 9.23 -21.42 -30.64
C THR B 153 10.10 -20.79 -29.57
N LYS B 154 9.46 -20.05 -28.66
CA LYS B 154 10.19 -19.41 -27.57
C LYS B 154 10.93 -20.46 -26.76
N VAL B 155 10.26 -21.57 -26.49
CA VAL B 155 10.85 -22.66 -25.72
C VAL B 155 12.13 -23.19 -26.40
N GLN B 156 12.04 -23.43 -27.71
CA GLN B 156 13.17 -23.94 -28.47
C GLN B 156 14.39 -23.01 -28.44
N TRP B 157 14.16 -21.71 -28.55
CA TRP B 157 15.27 -20.75 -28.52
C TRP B 157 15.94 -20.66 -27.16
N LEU B 158 15.15 -20.77 -26.09
CA LEU B 158 15.74 -20.71 -24.75
C LEU B 158 16.68 -21.91 -24.59
N GLN B 159 16.29 -23.05 -25.14
CA GLN B 159 17.11 -24.26 -25.08
C GLN B 159 18.32 -24.16 -26.00
N GLU B 160 18.08 -23.77 -27.25
CA GLU B 160 19.15 -23.68 -28.24
C GLU B 160 20.31 -22.75 -27.84
N LYS B 161 20.00 -21.63 -27.20
CA LYS B 161 21.04 -20.71 -26.78
C LYS B 161 21.50 -21.01 -25.36
N ASN B 162 20.88 -22.02 -24.75
CA ASN B 162 21.19 -22.41 -23.38
C ASN B 162 21.09 -21.25 -22.39
N MET B 163 20.00 -20.49 -22.49
CA MET B 163 19.78 -19.36 -21.57
C MET B 163 19.52 -19.92 -20.17
N ARG B 164 20.11 -19.30 -19.16
CA ARG B 164 19.92 -19.77 -17.78
C ARG B 164 18.82 -18.99 -17.07
N ILE B 165 18.55 -17.79 -17.55
CA ILE B 165 17.48 -16.98 -16.96
C ILE B 165 16.69 -16.33 -18.08
N PHE B 166 15.41 -16.10 -17.83
CA PHE B 166 14.56 -15.44 -18.82
C PHE B 166 13.63 -14.49 -18.08
N TYR B 167 13.66 -13.22 -18.48
CA TYR B 167 12.84 -12.18 -17.87
C TYR B 167 11.64 -11.87 -18.74
N GLY B 168 10.47 -11.70 -18.12
CA GLY B 168 9.26 -11.40 -18.87
C GLY B 168 8.10 -10.94 -18.01
N ASP B 169 7.11 -10.33 -18.64
CA ASP B 169 5.92 -9.81 -17.96
C ASP B 169 4.69 -10.70 -18.12
N SER B 170 4.64 -11.49 -19.19
CA SER B 170 3.49 -12.33 -19.46
C SER B 170 3.59 -13.71 -18.86
N ASP B 171 2.45 -14.40 -18.73
CA ASP B 171 2.45 -15.75 -18.17
C ASP B 171 3.25 -16.71 -19.05
N ASN B 172 3.11 -16.62 -20.38
CA ASN B 172 3.85 -17.54 -21.25
C ASN B 172 5.35 -17.34 -21.23
N ASP B 173 5.82 -16.22 -20.67
CA ASP B 173 7.26 -16.01 -20.56
C ASP B 173 7.73 -16.89 -19.40
N ILE B 174 6.93 -16.91 -18.33
CA ILE B 174 7.28 -17.69 -17.15
C ILE B 174 7.14 -19.19 -17.38
N THR B 175 6.06 -19.61 -18.04
CA THR B 175 5.87 -21.03 -18.31
C THR B 175 6.92 -21.56 -19.30
N ALA B 176 7.46 -20.68 -20.13
CA ALA B 176 8.48 -21.07 -21.12
C ALA B 176 9.75 -21.41 -20.38
N ALA B 177 10.05 -20.63 -19.35
CA ALA B 177 11.23 -20.84 -18.51
C ALA B 177 11.05 -22.10 -17.68
N ARG B 178 9.83 -22.34 -17.21
CA ARG B 178 9.55 -23.53 -16.41
C ARG B 178 9.73 -24.79 -17.28
N ASP B 179 9.13 -24.79 -18.47
CA ASP B 179 9.26 -25.92 -19.38
C ASP B 179 10.70 -26.30 -19.69
N CYS B 180 11.61 -25.33 -19.62
CA CYS B 180 13.03 -25.57 -19.90
C CYS B 180 13.82 -25.83 -18.62
N GLY B 181 13.16 -25.77 -17.48
CA GLY B 181 13.84 -25.99 -16.22
C GLY B 181 14.82 -24.89 -15.87
N ILE B 182 14.57 -23.67 -16.32
CA ILE B 182 15.46 -22.56 -15.99
C ILE B 182 14.74 -21.55 -15.11
N ARG B 183 15.49 -20.58 -14.60
CA ARG B 183 14.95 -19.57 -13.71
C ARG B 183 14.17 -18.48 -14.46
N GLY B 184 12.87 -18.42 -14.19
CA GLY B 184 12.01 -17.44 -14.83
C GLY B 184 11.69 -16.32 -13.86
N ILE B 185 11.95 -15.08 -14.27
CA ILE B 185 11.71 -13.92 -13.41
C ILE B 185 10.72 -12.95 -14.05
N ARG B 186 9.72 -12.55 -13.26
CA ARG B 186 8.66 -11.66 -13.72
C ARG B 186 8.91 -10.17 -13.58
N ILE B 187 8.52 -9.42 -14.60
CA ILE B 187 8.63 -7.97 -14.63
C ILE B 187 7.18 -7.47 -14.59
N LEU B 188 6.92 -6.45 -13.79
CA LEU B 188 5.56 -5.92 -13.72
C LEU B 188 5.23 -5.15 -15.00
N ARG B 189 4.03 -5.37 -15.54
CA ARG B 189 3.59 -4.66 -16.72
C ARG B 189 2.98 -3.32 -16.28
N ALA B 190 3.35 -2.23 -16.95
CA ALA B 190 2.83 -0.90 -16.57
C ALA B 190 1.33 -0.82 -16.65
N ALA B 191 0.75 -0.07 -15.71
CA ALA B 191 -0.70 0.13 -15.64
C ALA B 191 -1.26 0.86 -16.87
N ASN B 192 -0.47 1.72 -17.50
CA ASN B 192 -0.96 2.42 -18.68
C ASN B 192 -0.67 1.70 -19.99
N SER B 193 -0.19 0.46 -19.89
CA SER B 193 0.04 -0.34 -21.10
C SER B 193 -1.32 -0.59 -21.73
N THR B 194 -1.35 -0.80 -23.05
CA THR B 194 -2.62 -1.05 -23.73
C THR B 194 -2.88 -2.55 -23.87
N TYR B 195 -1.90 -3.35 -23.47
CA TYR B 195 -2.03 -4.81 -23.54
C TYR B 195 -2.69 -5.21 -22.22
N LYS B 196 -4.00 -5.42 -22.26
CA LYS B 196 -4.73 -5.77 -21.05
C LYS B 196 -5.71 -6.95 -21.19
N PRO B 197 -6.16 -7.52 -20.06
CA PRO B 197 -5.87 -7.17 -18.67
C PRO B 197 -4.42 -7.39 -18.26
N LEU B 198 -4.05 -6.79 -17.13
CA LEU B 198 -2.71 -6.96 -16.58
C LEU B 198 -2.65 -8.39 -16.06
N PRO B 199 -1.50 -9.05 -16.18
CA PRO B 199 -1.43 -10.43 -15.68
C PRO B 199 -1.18 -10.45 -14.18
N GLN B 200 -1.43 -11.61 -13.56
CA GLN B 200 -1.20 -11.76 -12.13
C GLN B 200 0.23 -12.20 -11.89
N ALA B 201 1.11 -11.25 -11.59
CA ALA B 201 2.50 -11.55 -11.33
C ALA B 201 2.63 -12.42 -10.08
N GLY B 202 3.43 -13.49 -10.19
CA GLY B 202 3.61 -14.39 -9.06
C GLY B 202 2.61 -15.53 -9.05
N ALA B 203 1.81 -15.66 -10.11
CA ALA B 203 0.80 -16.71 -10.17
C ALA B 203 1.40 -18.11 -10.31
N PHE B 204 2.70 -18.19 -10.54
CA PHE B 204 3.34 -19.48 -10.66
C PHE B 204 4.36 -19.71 -9.54
N GLY B 205 4.38 -18.80 -8.58
CA GLY B 205 5.33 -18.91 -7.48
C GLY B 205 6.68 -18.34 -7.86
N GLU B 206 6.77 -17.73 -9.04
CA GLU B 206 8.03 -17.17 -9.52
C GLU B 206 8.42 -15.90 -8.77
N GLU B 207 9.71 -15.56 -8.84
CA GLU B 207 10.21 -14.35 -8.22
C GLU B 207 9.69 -13.18 -9.07
N VAL B 208 9.33 -12.09 -8.41
CA VAL B 208 8.82 -10.90 -9.11
C VAL B 208 9.69 -9.72 -8.71
N ILE B 209 10.26 -9.04 -9.69
CA ILE B 209 11.13 -7.89 -9.39
C ILE B 209 10.32 -6.69 -8.96
N VAL B 210 10.68 -6.13 -7.81
CA VAL B 210 9.99 -4.98 -7.25
C VAL B 210 10.20 -3.70 -8.06
N ASN B 211 9.17 -2.86 -8.11
CA ASN B 211 9.22 -1.58 -8.80
C ASN B 211 9.66 -1.71 -10.24
N SER B 212 9.34 -2.84 -10.85
CA SER B 212 9.74 -3.08 -12.21
C SER B 212 8.71 -2.61 -13.24
N GLU B 213 7.74 -1.80 -12.81
CA GLU B 213 6.73 -1.32 -13.75
C GLU B 213 7.23 -0.16 -14.61
N TYR B 214 8.39 0.41 -14.28
CA TYR B 214 8.92 1.52 -15.08
C TYR B 214 10.42 1.42 -15.34
N THR C 7 -5.73 -21.57 -6.91
CA THR C 7 -5.60 -20.22 -6.29
C THR C 7 -4.65 -20.22 -5.10
N LEU C 8 -3.60 -21.03 -5.19
CA LEU C 8 -2.57 -21.10 -4.16
C LEU C 8 -1.69 -19.87 -4.35
N ASN C 9 -1.57 -19.42 -5.59
CA ASN C 9 -0.75 -18.27 -5.95
C ASN C 9 -1.61 -17.27 -6.72
N PRO C 10 -2.35 -16.43 -6.00
CA PRO C 10 -3.21 -15.43 -6.66
C PRO C 10 -2.45 -14.30 -7.37
N GLY C 11 -1.21 -14.08 -6.97
CA GLY C 11 -0.41 -13.03 -7.58
C GLY C 11 -1.00 -11.64 -7.42
N THR C 12 -0.47 -10.66 -8.14
CA THR C 12 -0.97 -9.29 -8.06
C THR C 12 -0.48 -8.52 -9.29
N ASN C 13 -0.84 -7.25 -9.40
CA ASN C 13 -0.39 -6.41 -10.51
C ASN C 13 -0.22 -4.99 -9.99
N VAL C 14 0.48 -4.14 -10.73
CA VAL C 14 0.75 -2.78 -10.29
C VAL C 14 -0.48 -1.89 -10.08
N ALA C 15 -1.58 -2.21 -10.74
CA ALA C 15 -2.80 -1.43 -10.57
C ALA C 15 -3.32 -1.67 -9.16
N LYS C 16 -3.32 -2.94 -8.74
CA LYS C 16 -3.78 -3.31 -7.39
C LYS C 16 -2.85 -2.72 -6.33
N LEU C 17 -1.55 -2.79 -6.58
CA LEU C 17 -0.55 -2.27 -5.64
C LEU C 17 -0.72 -0.79 -5.29
N ALA C 18 -1.02 0.02 -6.31
CA ALA C 18 -1.16 1.45 -6.10
C ALA C 18 -2.61 1.90 -5.91
N GLU C 19 -3.55 0.97 -5.97
CA GLU C 19 -4.94 1.35 -5.80
C GLU C 19 -5.19 2.05 -4.44
N GLN C 20 -5.93 3.16 -4.48
CA GLN C 20 -6.24 3.91 -3.27
C GLN C 20 -7.73 4.09 -3.10
N ALA C 21 -8.20 4.02 -1.85
CA ALA C 21 -9.63 4.22 -1.58
C ALA C 21 -9.78 5.72 -1.50
N PRO C 22 -10.89 6.26 -2.00
CA PRO C 22 -11.06 7.71 -1.94
C PRO C 22 -11.45 8.16 -0.55
N VAL C 23 -10.42 8.29 0.30
CA VAL C 23 -10.53 8.69 1.68
C VAL C 23 -9.81 10.01 1.91
N HIS C 24 -10.34 10.84 2.81
CA HIS C 24 -9.72 12.10 3.10
C HIS C 24 -8.83 11.97 4.34
N TRP C 25 -7.55 11.64 4.12
CA TRP C 25 -6.60 11.48 5.22
C TRP C 25 -6.05 12.82 5.69
N VAL C 26 -5.80 12.90 7.00
CA VAL C 26 -5.24 14.10 7.62
C VAL C 26 -4.26 13.66 8.70
N SER C 27 -3.40 14.56 9.11
CA SER C 27 -2.43 14.26 10.16
C SER C 27 -2.75 15.16 11.35
N VAL C 28 -2.16 14.87 12.50
CA VAL C 28 -2.35 15.69 13.68
C VAL C 28 -1.87 17.12 13.39
N ALA C 29 -0.71 17.23 12.75
CA ALA C 29 -0.14 18.53 12.41
C ALA C 29 -1.09 19.37 11.55
N GLN C 30 -1.76 18.72 10.61
CA GLN C 30 -2.71 19.42 9.74
C GLN C 30 -3.93 19.90 10.51
N ILE C 31 -4.39 19.09 11.46
CA ILE C 31 -5.55 19.46 12.27
C ILE C 31 -5.16 20.65 13.12
N GLU C 32 -3.98 20.57 13.72
CA GLU C 32 -3.47 21.65 14.55
C GLU C 32 -3.42 22.95 13.74
N ASN C 33 -2.79 22.87 12.57
CA ASN C 33 -2.65 24.02 11.71
C ASN C 33 -4.02 24.56 11.31
N SER C 34 -5.02 23.70 11.21
CA SER C 34 -6.35 24.16 10.84
C SER C 34 -7.06 24.88 11.96
N LEU C 35 -6.48 24.83 13.17
CA LEU C 35 -7.07 25.47 14.34
C LEU C 35 -6.35 26.73 14.79
N THR C 36 -5.27 27.10 14.09
CA THR C 36 -4.49 28.29 14.45
C THR C 36 -5.38 29.52 14.51
N GLY C 37 -5.23 30.30 15.58
CA GLY C 37 -6.02 31.50 15.73
C GLY C 37 -7.32 31.33 16.50
N ARG C 38 -7.83 30.11 16.59
CA ARG C 38 -9.07 29.88 17.32
C ARG C 38 -8.83 29.79 18.82
N PRO C 39 -9.72 30.40 19.60
CA PRO C 39 -9.64 30.41 21.06
C PRO C 39 -9.92 29.01 21.63
N PRO C 40 -9.48 28.76 22.86
CA PRO C 40 -9.72 27.44 23.46
C PRO C 40 -11.18 27.06 23.33
N MET C 41 -11.43 25.79 23.06
CA MET C 41 -12.79 25.30 22.89
C MET C 41 -12.93 23.94 23.56
N ALA C 42 -14.13 23.38 23.48
CA ALA C 42 -14.40 22.07 24.05
C ALA C 42 -14.39 21.01 22.96
N VAL C 43 -13.65 19.93 23.20
CA VAL C 43 -13.55 18.84 22.23
C VAL C 43 -13.80 17.52 22.95
N GLY C 44 -14.27 16.51 22.21
CA GLY C 44 -14.52 15.23 22.85
C GLY C 44 -13.93 14.01 22.17
N PHE C 45 -13.62 12.99 22.99
CA PHE C 45 -13.07 11.72 22.51
C PHE C 45 -13.89 10.51 22.93
N ASP C 46 -14.10 9.59 21.99
CA ASP C 46 -14.75 8.33 22.28
C ASP C 46 -13.64 7.68 23.08
N ILE C 47 -13.91 6.60 23.81
CA ILE C 47 -12.82 6.00 24.57
C ILE C 47 -12.23 4.75 23.96
N ASP C 48 -13.07 3.73 23.80
CA ASP C 48 -12.61 2.45 23.30
C ASP C 48 -12.23 2.40 21.83
N ASP C 49 -10.96 2.07 21.61
CA ASP C 49 -10.36 1.98 20.29
C ASP C 49 -10.09 3.36 19.70
N THR C 50 -10.34 4.39 20.50
CA THR C 50 -10.06 5.76 20.07
C THR C 50 -8.81 6.19 20.84
N VAL C 51 -8.87 6.19 22.17
CA VAL C 51 -7.70 6.55 22.99
C VAL C 51 -7.14 5.34 23.76
N LEU C 52 -7.94 4.29 23.92
CA LEU C 52 -7.49 3.10 24.63
C LEU C 52 -7.76 1.80 23.90
N PHE C 53 -6.78 0.92 23.88
CA PHE C 53 -6.97 -0.39 23.28
C PHE C 53 -7.43 -1.20 24.49
N SER C 54 -8.75 -1.28 24.67
CA SER C 54 -9.34 -1.97 25.82
C SER C 54 -9.82 -3.40 25.59
N SER C 55 -9.58 -3.94 24.41
CA SER C 55 -9.99 -5.30 24.11
C SER C 55 -9.53 -6.34 25.15
N PRO C 56 -8.39 -6.13 25.83
CA PRO C 56 -7.97 -7.13 26.82
C PRO C 56 -9.06 -7.38 27.86
N GLY C 57 -9.60 -6.29 28.41
CA GLY C 57 -10.66 -6.39 29.41
C GLY C 57 -11.93 -7.06 28.91
N PHE C 58 -12.36 -6.70 27.70
CA PHE C 58 -13.57 -7.27 27.12
C PHE C 58 -13.37 -8.74 26.76
N TRP C 59 -12.15 -9.08 26.35
CA TRP C 59 -11.82 -10.45 25.98
C TRP C 59 -11.97 -11.34 27.21
N ARG C 60 -11.41 -10.90 28.33
CA ARG C 60 -11.52 -11.66 29.56
C ARG C 60 -12.95 -11.64 30.08
N GLY C 61 -13.64 -10.53 29.85
CA GLY C 61 -15.01 -10.42 30.30
C GLY C 61 -15.87 -11.50 29.69
N LYS C 62 -15.75 -11.67 28.38
CA LYS C 62 -16.53 -12.66 27.66
C LYS C 62 -16.18 -14.08 28.10
N LYS C 63 -14.90 -14.36 28.26
CA LYS C 63 -14.44 -15.68 28.66
C LYS C 63 -14.82 -16.00 30.10
N THR C 64 -15.08 -14.97 30.89
CA THR C 64 -15.44 -15.15 32.29
C THR C 64 -16.95 -15.14 32.50
N TYR C 65 -17.66 -14.34 31.71
CA TYR C 65 -19.10 -14.24 31.87
C TYR C 65 -20.00 -14.78 30.76
N SER C 66 -19.54 -14.79 29.51
CA SER C 66 -20.37 -15.26 28.37
C SER C 66 -19.55 -16.00 27.33
N PRO C 67 -18.86 -17.07 27.73
CA PRO C 67 -18.03 -17.83 26.78
C PRO C 67 -18.64 -18.05 25.39
N ASP C 68 -19.96 -18.14 25.32
CA ASP C 68 -20.63 -18.41 24.03
C ASP C 68 -21.49 -17.27 23.45
N SER C 69 -21.52 -16.11 24.11
CA SER C 69 -22.34 -15.02 23.59
C SER C 69 -21.81 -13.67 24.02
N ASP C 70 -22.57 -12.62 23.74
CA ASP C 70 -22.18 -11.27 24.10
C ASP C 70 -23.04 -10.75 25.24
N ASP C 71 -23.54 -11.66 26.05
CA ASP C 71 -24.38 -11.29 27.17
C ASP C 71 -23.59 -10.62 28.30
N TYR C 72 -22.28 -10.84 28.34
CA TYR C 72 -21.45 -10.25 29.39
C TYR C 72 -21.58 -8.73 29.32
N LEU C 73 -21.93 -8.23 28.13
CA LEU C 73 -22.11 -6.80 27.95
C LEU C 73 -23.34 -6.31 28.73
N LYS C 74 -24.17 -7.24 29.18
CA LYS C 74 -25.37 -6.92 29.96
C LYS C 74 -25.17 -7.23 31.44
N ASN C 75 -24.13 -8.00 31.75
CA ASN C 75 -23.81 -8.41 33.12
C ASN C 75 -23.16 -7.29 33.91
N PRO C 76 -23.88 -6.71 34.89
CA PRO C 76 -23.31 -5.62 35.69
C PRO C 76 -22.04 -6.00 36.44
N ALA C 77 -21.82 -7.30 36.63
CA ALA C 77 -20.61 -7.75 37.32
C ALA C 77 -19.40 -7.49 36.41
N PHE C 78 -19.60 -7.64 35.11
CA PHE C 78 -18.53 -7.39 34.16
C PHE C 78 -18.15 -5.92 34.23
N TRP C 79 -19.14 -5.05 34.10
CA TRP C 79 -18.90 -3.62 34.13
C TRP C 79 -18.22 -3.12 35.41
N GLU C 80 -18.52 -3.74 36.54
CA GLU C 80 -17.87 -3.33 37.78
C GLU C 80 -16.36 -3.49 37.63
N LYS C 81 -15.98 -4.59 36.99
CA LYS C 81 -14.58 -4.94 36.75
C LYS C 81 -13.91 -4.07 35.69
N MET C 82 -14.61 -3.87 34.58
CA MET C 82 -14.11 -3.09 33.46
C MET C 82 -13.84 -1.63 33.87
N ASN C 83 -14.80 -1.00 34.53
CA ASN C 83 -14.63 0.40 34.91
C ASN C 83 -13.86 0.65 36.20
N ASN C 84 -13.40 -0.40 36.86
CA ASN C 84 -12.69 -0.20 38.12
C ASN C 84 -11.34 -0.86 38.25
N GLY C 85 -10.64 -1.06 37.14
CA GLY C 85 -9.32 -1.68 37.25
C GLY C 85 -8.79 -2.39 36.02
N TRP C 86 -9.67 -3.03 35.26
CA TRP C 86 -9.23 -3.75 34.07
C TRP C 86 -8.62 -2.87 32.96
N ASP C 87 -8.76 -1.55 33.08
CA ASP C 87 -8.16 -0.67 32.09
C ASP C 87 -6.66 -0.53 32.39
N GLU C 88 -6.22 -1.13 33.50
CA GLU C 88 -4.81 -1.11 33.86
C GLU C 88 -4.08 -1.98 32.83
N PHE C 89 -4.84 -2.81 32.11
CA PHE C 89 -4.30 -3.68 31.07
C PHE C 89 -4.59 -3.11 29.69
N SER C 90 -5.27 -1.97 29.65
CA SER C 90 -5.61 -1.31 28.39
C SER C 90 -4.39 -0.52 27.89
N ILE C 91 -4.11 -0.62 26.59
CA ILE C 91 -2.96 0.07 26.05
C ILE C 91 -3.30 1.41 25.40
N PRO C 92 -2.71 2.50 25.90
CA PRO C 92 -2.93 3.86 25.38
C PRO C 92 -2.49 3.95 23.93
N LYS C 93 -3.28 4.63 23.10
CA LYS C 93 -2.93 4.76 21.69
C LYS C 93 -2.05 5.99 21.49
N GLU C 94 -1.00 5.83 20.69
CA GLU C 94 -0.10 6.94 20.44
C GLU C 94 -0.74 8.10 19.68
N ALA C 95 -1.68 7.81 18.80
CA ALA C 95 -2.35 8.87 18.04
C ALA C 95 -3.13 9.77 19.00
N ALA C 96 -3.76 9.15 20.00
CA ALA C 96 -4.52 9.88 21.01
C ALA C 96 -3.58 10.75 21.84
N ARG C 97 -2.42 10.20 22.14
CA ARG C 97 -1.43 10.92 22.91
C ARG C 97 -1.08 12.22 22.19
N GLN C 98 -0.85 12.13 20.89
CA GLN C 98 -0.49 13.28 20.09
C GLN C 98 -1.63 14.29 20.03
N LEU C 99 -2.84 13.79 19.85
CA LEU C 99 -4.02 14.65 19.79
C LEU C 99 -4.26 15.35 21.13
N ILE C 100 -4.23 14.58 22.21
CA ILE C 100 -4.46 15.17 23.53
C ILE C 100 -3.41 16.20 23.87
N ASP C 101 -2.13 15.92 23.61
CA ASP C 101 -1.08 16.87 23.91
C ASP C 101 -1.31 18.17 23.13
N MET C 102 -1.84 18.03 21.91
CA MET C 102 -2.10 19.18 21.05
C MET C 102 -3.23 20.05 21.64
N HIS C 103 -4.36 19.44 21.94
CA HIS C 103 -5.47 20.19 22.51
C HIS C 103 -5.11 20.83 23.85
N VAL C 104 -4.21 20.19 24.60
CA VAL C 104 -3.79 20.74 25.88
C VAL C 104 -3.00 22.02 25.62
N ARG C 105 -2.00 21.94 24.73
CA ARG C 105 -1.20 23.11 24.40
C ARG C 105 -2.10 24.28 24.05
N ARG C 106 -3.22 23.99 23.39
CA ARG C 106 -4.15 25.04 23.00
C ARG C 106 -4.95 25.60 24.16
N GLY C 107 -5.06 24.80 25.22
CA GLY C 107 -5.84 25.20 26.37
C GLY C 107 -7.29 24.77 26.20
N ASP C 108 -7.50 23.79 25.33
CA ASP C 108 -8.85 23.30 25.09
C ASP C 108 -9.35 22.50 26.27
N SER C 109 -10.67 22.35 26.32
CA SER C 109 -11.32 21.61 27.39
C SER C 109 -11.63 20.22 26.84
N ILE C 110 -11.01 19.21 27.43
CA ILE C 110 -11.18 17.84 26.97
C ILE C 110 -12.25 17.01 27.68
N TYR C 111 -13.08 16.35 26.89
CA TYR C 111 -14.14 15.50 27.39
C TYR C 111 -14.02 14.11 26.78
N PHE C 112 -14.41 13.10 27.55
CA PHE C 112 -14.39 11.71 27.11
C PHE C 112 -15.81 11.20 27.25
N VAL C 113 -16.37 10.67 26.17
CA VAL C 113 -17.73 10.16 26.21
C VAL C 113 -17.67 8.67 25.92
N THR C 114 -18.34 7.88 26.75
CA THR C 114 -18.31 6.44 26.56
C THR C 114 -19.69 5.80 26.58
N GLY C 115 -19.86 4.74 25.79
CA GLY C 115 -21.11 4.04 25.74
C GLY C 115 -21.09 2.89 26.74
N ARG C 116 -20.03 2.82 27.55
CA ARG C 116 -19.89 1.78 28.57
C ARG C 116 -21.03 1.93 29.59
N SER C 117 -21.40 0.83 30.24
CA SER C 117 -22.45 0.90 31.23
C SER C 117 -21.95 1.67 32.42
N GLN C 118 -22.83 2.49 32.99
CA GLN C 118 -22.48 3.30 34.14
C GLN C 118 -22.45 2.43 35.40
N THR C 119 -21.55 2.75 36.30
CA THR C 119 -21.38 2.02 37.56
C THR C 119 -21.24 3.05 38.67
N LYS C 120 -21.48 2.66 39.92
CA LYS C 120 -21.40 3.59 41.05
C LYS C 120 -20.04 4.28 41.08
N THR C 121 -18.98 3.49 40.95
CA THR C 121 -17.63 4.04 40.95
C THR C 121 -16.98 3.75 39.60
N GLU C 122 -15.88 4.44 39.31
CA GLU C 122 -15.14 4.23 38.07
C GLU C 122 -13.77 4.85 38.23
N THR C 123 -12.76 4.16 37.72
CA THR C 123 -11.39 4.66 37.82
C THR C 123 -10.85 4.99 36.42
N VAL C 124 -11.73 4.94 35.42
CA VAL C 124 -11.33 5.23 34.05
C VAL C 124 -10.78 6.65 33.93
N SER C 125 -11.48 7.61 34.53
CA SER C 125 -11.06 9.01 34.51
C SER C 125 -9.62 9.18 34.97
N LYS C 126 -9.30 8.50 36.06
CA LYS C 126 -7.96 8.53 36.66
C LYS C 126 -6.94 7.91 35.72
N THR C 127 -7.28 6.77 35.15
CA THR C 127 -6.38 6.08 34.22
C THR C 127 -6.07 6.99 33.04
N LEU C 128 -7.11 7.65 32.51
CA LEU C 128 -6.94 8.55 31.39
C LEU C 128 -6.07 9.76 31.74
N ALA C 129 -6.41 10.45 32.82
CA ALA C 129 -5.64 11.62 33.23
C ALA C 129 -4.18 11.24 33.48
N ASP C 130 -3.96 10.02 33.96
CA ASP C 130 -2.60 9.55 34.27
C ASP C 130 -1.77 9.13 33.07
N ASN C 131 -2.35 8.36 32.16
CA ASN C 131 -1.58 7.92 30.99
C ASN C 131 -1.26 9.03 30.01
N PHE C 132 -2.14 10.02 29.89
CA PHE C 132 -1.93 11.11 28.95
C PHE C 132 -1.43 12.41 29.57
N HIS C 133 -1.17 12.36 30.88
CA HIS C 133 -0.70 13.52 31.63
C HIS C 133 -1.59 14.75 31.37
N ILE C 134 -2.90 14.55 31.52
CA ILE C 134 -3.85 15.63 31.31
C ILE C 134 -3.92 16.48 32.56
N PRO C 135 -3.61 17.79 32.43
CA PRO C 135 -3.65 18.71 33.58
C PRO C 135 -5.07 18.80 34.12
N ALA C 136 -5.20 19.15 35.40
CA ALA C 136 -6.52 19.27 36.01
C ALA C 136 -7.37 20.29 35.25
N ALA C 137 -6.73 21.38 34.82
CA ALA C 137 -7.42 22.45 34.09
C ALA C 137 -8.12 22.00 32.80
N ASN C 138 -7.58 20.99 32.14
CA ASN C 138 -8.18 20.52 30.89
C ASN C 138 -8.98 19.23 31.06
N MET C 139 -8.74 18.53 32.16
CA MET C 139 -9.42 17.26 32.44
C MET C 139 -10.89 17.42 32.87
N ASN C 140 -11.70 16.40 32.59
CA ASN C 140 -13.12 16.38 32.94
C ASN C 140 -13.52 14.94 33.17
N PRO C 141 -14.32 14.68 34.21
CA PRO C 141 -14.76 13.30 34.51
C PRO C 141 -15.39 12.65 33.28
N VAL C 142 -15.15 11.35 33.12
CA VAL C 142 -15.71 10.63 32.00
C VAL C 142 -17.22 10.77 31.98
N ILE C 143 -17.79 10.85 30.79
CA ILE C 143 -19.24 10.97 30.62
C ILE C 143 -19.78 9.67 30.05
N PHE C 144 -20.74 9.06 30.75
CA PHE C 144 -21.35 7.82 30.30
C PHE C 144 -22.71 8.16 29.70
N ALA C 145 -22.95 7.70 28.47
CA ALA C 145 -24.20 7.98 27.76
C ALA C 145 -24.96 6.75 27.31
N GLY C 146 -26.25 6.92 27.00
CA GLY C 146 -27.09 5.82 26.54
C GLY C 146 -28.57 6.15 26.53
N ASP C 147 -29.40 5.15 26.21
CA ASP C 147 -30.87 5.32 26.16
C ASP C 147 -31.56 5.26 27.53
N LYS C 148 -30.79 5.03 28.59
CA LYS C 148 -31.35 5.00 29.94
C LYS C 148 -31.95 6.39 30.20
N PRO C 149 -33.28 6.46 30.44
CA PRO C 149 -33.96 7.74 30.70
C PRO C 149 -33.30 8.59 31.79
N GLU C 150 -32.44 7.94 32.59
CA GLU C 150 -31.74 8.62 33.69
C GLU C 150 -30.43 9.26 33.20
N GLN C 151 -30.13 9.10 31.91
CA GLN C 151 -28.91 9.64 31.32
C GLN C 151 -29.13 10.16 29.88
N ASN C 152 -28.27 11.09 29.46
CA ASN C 152 -28.38 11.66 28.11
C ASN C 152 -27.68 10.81 27.05
N THR C 153 -28.08 10.98 25.80
CA THR C 153 -27.50 10.25 24.67
C THR C 153 -26.19 10.93 24.24
N LYS C 154 -25.43 10.30 23.35
CA LYS C 154 -24.18 10.87 22.89
C LYS C 154 -24.37 12.25 22.26
N VAL C 155 -25.32 12.36 21.33
CA VAL C 155 -25.60 13.63 20.67
C VAL C 155 -25.89 14.72 21.70
N GLN C 156 -26.83 14.44 22.59
CA GLN C 156 -27.18 15.40 23.63
C GLN C 156 -25.98 15.88 24.44
N TRP C 157 -25.05 14.98 24.75
CA TRP C 157 -23.87 15.39 25.50
C TRP C 157 -22.94 16.28 24.68
N LEU C 158 -22.83 16.01 23.38
CA LEU C 158 -21.99 16.82 22.51
C LEU C 158 -22.52 18.25 22.45
N GLN C 159 -23.85 18.38 22.35
CA GLN C 159 -24.48 19.70 22.29
C GLN C 159 -24.40 20.43 23.61
N GLU C 160 -24.78 19.75 24.69
CA GLU C 160 -24.76 20.35 26.03
C GLU C 160 -23.41 20.94 26.43
N LYS C 161 -22.32 20.32 25.99
CA LYS C 161 -20.99 20.81 26.35
C LYS C 161 -20.41 21.67 25.22
N ASN C 162 -21.18 21.82 24.16
CA ASN C 162 -20.80 22.59 22.99
C ASN C 162 -19.44 22.17 22.44
N MET C 163 -19.25 20.86 22.29
CA MET C 163 -18.01 20.33 21.75
C MET C 163 -17.95 20.68 20.26
N ARG C 164 -16.81 21.19 19.80
CA ARG C 164 -16.67 21.57 18.39
C ARG C 164 -16.05 20.48 17.53
N ILE C 165 -15.34 19.55 18.17
CA ILE C 165 -14.70 18.44 17.48
C ILE C 165 -14.93 17.15 18.25
N PHE C 166 -15.26 16.07 17.56
CA PHE C 166 -15.43 14.80 18.23
C PHE C 166 -14.64 13.72 17.48
N TYR C 167 -13.78 13.01 18.22
CA TYR C 167 -12.93 11.95 17.66
C TYR C 167 -13.46 10.58 18.03
N GLY C 168 -13.52 9.68 17.05
CA GLY C 168 -14.02 8.35 17.33
C GLY C 168 -13.68 7.35 16.24
N ASP C 169 -13.72 6.07 16.61
CA ASP C 169 -13.40 4.99 15.68
C ASP C 169 -14.64 4.40 15.05
N SER C 170 -15.79 4.62 15.68
CA SER C 170 -17.02 4.03 15.16
C SER C 170 -17.89 4.94 14.33
N ASP C 171 -18.76 4.33 13.52
CA ASP C 171 -19.68 5.09 12.68
C ASP C 171 -20.58 5.99 13.53
N ASN C 172 -21.10 5.50 14.65
CA ASN C 172 -21.98 6.34 15.46
C ASN C 172 -21.26 7.54 16.06
N ASP C 173 -19.94 7.45 16.19
CA ASP C 173 -19.18 8.59 16.70
C ASP C 173 -19.21 9.70 15.66
N ILE C 174 -19.13 9.32 14.39
CA ILE C 174 -19.13 10.28 13.28
C ILE C 174 -20.52 10.86 13.01
N THR C 175 -21.53 10.00 12.93
CA THR C 175 -22.90 10.47 12.68
C THR C 175 -23.40 11.35 13.81
N ALA C 176 -22.91 11.11 15.02
CA ALA C 176 -23.31 11.90 16.19
C ALA C 176 -22.80 13.32 15.97
N ALA C 177 -21.55 13.43 15.54
CA ALA C 177 -20.95 14.73 15.27
C ALA C 177 -21.71 15.39 14.14
N ARG C 178 -22.01 14.60 13.11
CA ARG C 178 -22.74 15.11 11.96
C ARG C 178 -24.11 15.64 12.38
N ASP C 179 -24.82 14.90 13.23
CA ASP C 179 -26.14 15.33 13.69
C ASP C 179 -26.04 16.63 14.48
N CYS C 180 -24.87 16.90 15.05
CA CYS C 180 -24.66 18.12 15.83
C CYS C 180 -24.07 19.26 15.03
N GLY C 181 -23.71 19.00 13.78
CA GLY C 181 -23.12 20.06 12.96
C GLY C 181 -21.68 20.40 13.34
N ILE C 182 -20.98 19.46 13.97
CA ILE C 182 -19.59 19.71 14.34
C ILE C 182 -18.64 18.84 13.52
N ARG C 183 -17.35 19.05 13.72
CA ARG C 183 -16.34 18.32 12.99
C ARG C 183 -16.08 16.95 13.59
N GLY C 184 -16.43 15.91 12.84
CA GLY C 184 -16.21 14.56 13.32
C GLY C 184 -14.99 13.99 12.63
N ILE C 185 -13.99 13.59 13.41
CA ILE C 185 -12.76 13.02 12.86
C ILE C 185 -12.57 11.56 13.27
N ARG C 186 -12.36 10.69 12.30
CA ARG C 186 -12.20 9.27 12.57
C ARG C 186 -10.81 8.78 12.97
N ILE C 187 -10.80 7.81 13.89
CA ILE C 187 -9.56 7.18 14.35
C ILE C 187 -9.70 5.73 13.85
N LEU C 188 -8.60 5.14 13.41
CA LEU C 188 -8.62 3.76 12.92
C LEU C 188 -8.62 2.73 14.06
N ARG C 189 -9.49 1.73 13.96
CA ARG C 189 -9.57 0.68 14.96
C ARG C 189 -8.50 -0.37 14.64
N ALA C 190 -7.66 -0.69 15.62
CA ALA C 190 -6.60 -1.68 15.42
C ALA C 190 -7.17 -2.99 14.88
N ALA C 191 -6.39 -3.65 14.01
CA ALA C 191 -6.79 -4.91 13.39
C ALA C 191 -6.94 -6.05 14.40
N ASN C 192 -6.22 -5.99 15.51
CA ASN C 192 -6.31 -7.04 16.51
C ASN C 192 -7.33 -6.75 17.61
N SER C 193 -8.17 -5.74 17.40
CA SER C 193 -9.23 -5.41 18.38
C SER C 193 -10.24 -6.56 18.34
N THR C 194 -10.86 -6.85 19.47
CA THR C 194 -11.86 -7.93 19.51
C THR C 194 -13.23 -7.43 19.09
N TYR C 195 -13.37 -6.12 18.95
CA TYR C 195 -14.63 -5.53 18.54
C TYR C 195 -14.68 -5.52 17.01
N LYS C 196 -15.27 -6.57 16.44
CA LYS C 196 -15.38 -6.76 14.99
C LYS C 196 -16.84 -6.75 14.52
N PRO C 197 -17.06 -6.52 13.21
CA PRO C 197 -16.02 -6.27 12.20
C PRO C 197 -15.49 -4.83 12.22
N LEU C 198 -14.33 -4.62 11.62
CA LEU C 198 -13.75 -3.27 11.58
C LEU C 198 -14.64 -2.34 10.76
N PRO C 199 -14.81 -1.09 11.20
CA PRO C 199 -15.63 -0.12 10.47
C PRO C 199 -14.90 0.40 9.24
N GLN C 200 -15.66 0.97 8.31
CA GLN C 200 -15.06 1.52 7.11
C GLN C 200 -14.77 3.00 7.38
N ALA C 201 -13.56 3.30 7.87
CA ALA C 201 -13.17 4.68 8.14
C ALA C 201 -13.31 5.49 6.84
N GLY C 202 -14.04 6.59 6.91
CA GLY C 202 -14.24 7.42 5.72
C GLY C 202 -15.56 7.21 5.00
N ALA C 203 -16.38 6.27 5.49
CA ALA C 203 -17.68 5.96 4.89
C ALA C 203 -18.65 7.13 4.86
N PHE C 204 -18.32 8.22 5.54
CA PHE C 204 -19.19 9.38 5.54
C PHE C 204 -18.47 10.61 4.95
N GLY C 205 -17.33 10.37 4.31
CA GLY C 205 -16.60 11.48 3.74
C GLY C 205 -15.93 12.30 4.82
N GLU C 206 -15.74 11.72 6.00
CA GLU C 206 -15.11 12.46 7.10
C GLU C 206 -13.59 12.36 7.05
N GLU C 207 -12.92 13.24 7.78
CA GLU C 207 -11.47 13.20 7.84
C GLU C 207 -11.06 11.97 8.67
N VAL C 208 -9.99 11.30 8.23
CA VAL C 208 -9.46 10.12 8.92
C VAL C 208 -7.97 10.38 9.22
N ILE C 209 -7.58 10.21 10.48
CA ILE C 209 -6.20 10.43 10.86
C ILE C 209 -5.30 9.26 10.47
N VAL C 210 -4.19 9.57 9.80
CA VAL C 210 -3.24 8.54 9.35
C VAL C 210 -2.54 7.84 10.52
N ASN C 211 -2.16 6.59 10.30
CA ASN C 211 -1.43 5.77 11.28
C ASN C 211 -2.02 5.88 12.68
N SER C 212 -3.33 6.00 12.78
CA SER C 212 -3.97 6.14 14.06
C SER C 212 -4.47 4.80 14.64
N GLU C 213 -3.98 3.69 14.08
CA GLU C 213 -4.37 2.36 14.56
C GLU C 213 -3.62 1.97 15.84
N TYR C 214 -2.58 2.72 16.17
CA TYR C 214 -1.79 2.44 17.37
C TYR C 214 -1.42 3.71 18.14
N PRO D 5 8.52 14.27 9.05
CA PRO D 5 7.74 14.73 10.25
C PRO D 5 7.75 16.26 10.43
N SER D 6 8.28 16.98 9.45
CA SER D 6 8.34 18.44 9.54
C SER D 6 7.63 19.12 8.39
N THR D 7 7.04 18.33 7.51
CA THR D 7 6.36 18.85 6.34
C THR D 7 4.85 18.72 6.52
N LEU D 8 4.15 19.85 6.50
CA LEU D 8 2.70 19.86 6.69
C LEU D 8 1.93 19.09 5.64
N ASN D 9 2.30 19.26 4.37
CA ASN D 9 1.64 18.58 3.25
C ASN D 9 2.71 17.88 2.39
N PRO D 10 3.23 16.74 2.86
CA PRO D 10 4.25 16.02 2.11
C PRO D 10 3.79 15.46 0.77
N GLY D 11 2.50 15.17 0.66
CA GLY D 11 1.96 14.62 -0.57
C GLY D 11 2.56 13.25 -0.88
N THR D 12 2.35 12.77 -2.10
CA THR D 12 2.88 11.48 -2.49
C THR D 12 2.89 11.37 -4.01
N ASN D 13 3.34 10.23 -4.52
CA ASN D 13 3.37 9.99 -5.96
C ASN D 13 3.19 8.49 -6.18
N VAL D 14 2.78 8.12 -7.40
CA VAL D 14 2.50 6.74 -7.74
C VAL D 14 3.66 5.75 -7.64
N ALA D 15 4.89 6.21 -7.80
CA ALA D 15 6.02 5.30 -7.68
C ALA D 15 6.14 4.89 -6.22
N LYS D 16 5.90 5.86 -5.33
CA LYS D 16 5.97 5.63 -3.89
C LYS D 16 4.79 4.76 -3.46
N LEU D 17 3.64 4.96 -4.09
CA LEU D 17 2.46 4.20 -3.75
C LEU D 17 2.59 2.72 -4.07
N ALA D 18 3.25 2.42 -5.17
CA ALA D 18 3.41 1.03 -5.62
C ALA D 18 4.67 0.35 -5.13
N GLU D 19 5.55 1.12 -4.49
CA GLU D 19 6.82 0.59 -4.00
C GLU D 19 6.70 -0.61 -3.06
N GLN D 20 7.44 -1.68 -3.35
CA GLN D 20 7.40 -2.88 -2.52
C GLN D 20 8.77 -3.22 -1.95
N ALA D 21 8.79 -3.72 -0.72
CA ALA D 21 10.04 -4.14 -0.13
C ALA D 21 10.31 -5.51 -0.74
N PRO D 22 11.57 -5.86 -0.99
CA PRO D 22 11.83 -7.18 -1.58
C PRO D 22 11.77 -8.24 -0.47
N VAL D 23 10.55 -8.69 -0.19
CA VAL D 23 10.30 -9.67 0.85
C VAL D 23 9.62 -10.91 0.28
N HIS D 24 9.92 -12.07 0.88
CA HIS D 24 9.31 -13.32 0.43
C HIS D 24 8.06 -13.64 1.27
N TRP D 25 6.90 -13.15 0.82
CA TRP D 25 5.65 -13.39 1.52
C TRP D 25 5.07 -14.75 1.18
N VAL D 26 4.48 -15.41 2.17
CA VAL D 26 3.83 -16.70 1.94
C VAL D 26 2.52 -16.70 2.72
N SER D 27 1.62 -17.61 2.34
CA SER D 27 0.35 -17.73 3.03
C SER D 27 0.37 -19.09 3.73
N VAL D 28 -0.58 -19.30 4.63
CA VAL D 28 -0.68 -20.56 5.35
C VAL D 28 -0.95 -21.69 4.36
N ALA D 29 -1.80 -21.43 3.37
CA ALA D 29 -2.11 -22.44 2.38
C ALA D 29 -0.86 -22.87 1.63
N GLN D 30 0.02 -21.91 1.33
CA GLN D 30 1.26 -22.23 0.61
C GLN D 30 2.19 -23.05 1.50
N ILE D 31 2.21 -22.73 2.80
CA ILE D 31 3.03 -23.47 3.74
C ILE D 31 2.51 -24.92 3.79
N GLU D 32 1.20 -25.07 3.96
CA GLU D 32 0.60 -26.39 4.01
C GLU D 32 0.90 -27.17 2.73
N ASN D 33 0.81 -26.51 1.58
CA ASN D 33 1.09 -27.19 0.32
C ASN D 33 2.52 -27.70 0.23
N SER D 34 3.46 -26.93 0.78
CA SER D 34 4.86 -27.33 0.74
C SER D 34 5.17 -28.44 1.73
N LEU D 35 4.16 -28.89 2.47
CA LEU D 35 4.35 -29.95 3.46
C LEU D 35 3.63 -31.24 3.06
N THR D 36 2.93 -31.20 1.94
CA THR D 36 2.20 -32.36 1.45
C THR D 36 3.14 -33.57 1.35
N GLY D 37 2.70 -34.72 1.87
CA GLY D 37 3.52 -35.90 1.81
C GLY D 37 4.48 -36.06 2.97
N ARG D 38 4.77 -34.99 3.69
CA ARG D 38 5.68 -35.07 4.83
C ARG D 38 4.95 -35.76 5.98
N PRO D 39 5.62 -36.69 6.67
CA PRO D 39 5.04 -37.42 7.79
C PRO D 39 5.03 -36.52 9.03
N PRO D 40 4.17 -36.82 10.02
CA PRO D 40 4.10 -36.01 11.23
C PRO D 40 5.49 -35.65 11.73
N MET D 41 5.68 -34.41 12.14
CA MET D 41 6.96 -33.94 12.61
C MET D 41 6.79 -32.99 13.78
N ALA D 42 7.90 -32.62 14.41
CA ALA D 42 7.86 -31.69 15.52
C ALA D 42 8.05 -30.27 14.98
N VAL D 43 7.18 -29.35 15.40
CA VAL D 43 7.24 -27.95 15.00
C VAL D 43 7.16 -27.07 16.25
N GLY D 44 7.75 -25.88 16.20
CA GLY D 44 7.73 -24.99 17.35
C GLY D 44 7.22 -23.58 17.08
N PHE D 45 6.74 -22.94 18.14
CA PHE D 45 6.22 -21.58 18.04
C PHE D 45 6.71 -20.73 19.19
N ASP D 46 7.11 -19.50 18.89
CA ASP D 46 7.49 -18.57 19.93
C ASP D 46 6.09 -18.18 20.45
N ILE D 47 6.01 -17.59 21.62
CA ILE D 47 4.70 -17.23 22.16
C ILE D 47 4.26 -15.79 21.97
N ASP D 48 5.00 -14.88 22.59
CA ASP D 48 4.68 -13.46 22.56
C ASP D 48 4.79 -12.77 21.21
N ASP D 49 3.66 -12.23 20.77
CA ASP D 49 3.49 -11.56 19.48
C ASP D 49 3.55 -12.52 18.30
N THR D 50 3.55 -13.81 18.58
CA THR D 50 3.55 -14.81 17.51
C THR D 50 2.22 -15.55 17.57
N VAL D 51 1.89 -16.01 18.77
CA VAL D 51 0.66 -16.75 19.04
C VAL D 51 -0.29 -15.93 19.92
N LEU D 52 0.26 -15.10 20.79
CA LEU D 52 -0.53 -14.28 21.70
C LEU D 52 -0.13 -12.80 21.71
N PHE D 53 -1.12 -11.92 21.67
CA PHE D 53 -0.83 -10.50 21.78
C PHE D 53 -0.86 -10.38 23.30
N SER D 54 0.31 -10.44 23.92
CA SER D 54 0.41 -10.39 25.38
C SER D 54 0.83 -9.06 25.98
N SER D 55 0.98 -8.03 25.16
CA SER D 55 1.38 -6.72 25.64
C SER D 55 0.57 -6.20 26.84
N PRO D 56 -0.73 -6.52 26.93
CA PRO D 56 -1.47 -6.01 28.09
C PRO D 56 -0.79 -6.33 29.42
N GLY D 57 -0.33 -7.57 29.56
CA GLY D 57 0.34 -7.97 30.79
C GLY D 57 1.71 -7.35 30.98
N PHE D 58 2.48 -7.23 29.90
CA PHE D 58 3.80 -6.62 30.02
C PHE D 58 3.64 -5.12 30.30
N TRP D 59 2.56 -4.55 29.81
CA TRP D 59 2.26 -3.14 30.03
C TRP D 59 1.91 -2.95 31.51
N ARG D 60 1.02 -3.79 32.05
CA ARG D 60 0.69 -3.63 33.46
C ARG D 60 1.94 -3.90 34.28
N GLY D 61 2.76 -4.84 33.80
CA GLY D 61 3.99 -5.20 34.49
C GLY D 61 4.96 -4.06 34.64
N LYS D 62 5.19 -3.33 33.56
CA LYS D 62 6.11 -2.20 33.62
C LYS D 62 5.55 -1.13 34.55
N LYS D 63 4.28 -0.76 34.37
CA LYS D 63 3.66 0.24 35.22
C LYS D 63 3.74 -0.12 36.70
N THR D 64 3.58 -1.40 37.02
CA THR D 64 3.62 -1.87 38.40
C THR D 64 5.01 -1.93 39.01
N TYR D 65 5.98 -2.47 38.29
CA TYR D 65 7.34 -2.61 38.81
C TYR D 65 8.47 -1.66 38.36
N SER D 66 8.37 -1.13 37.15
CA SER D 66 9.42 -0.24 36.61
C SER D 66 8.79 0.81 35.72
N PRO D 67 8.14 1.82 36.28
CA PRO D 67 7.54 2.81 35.38
C PRO D 67 8.57 3.52 34.50
N ASP D 68 9.76 3.76 35.06
CA ASP D 68 10.82 4.47 34.35
C ASP D 68 11.82 3.61 33.58
N SER D 69 11.65 2.29 33.58
CA SER D 69 12.62 1.45 32.88
C SER D 69 12.10 0.06 32.55
N ASP D 70 13.03 -0.86 32.25
CA ASP D 70 12.66 -2.23 31.93
C ASP D 70 13.14 -3.21 32.98
N ASP D 71 13.39 -2.74 34.20
CA ASP D 71 13.86 -3.63 35.25
C ASP D 71 12.83 -4.70 35.59
N TYR D 72 11.56 -4.46 35.29
CA TYR D 72 10.51 -5.42 35.61
C TYR D 72 10.75 -6.77 34.94
N LEU D 73 11.42 -6.75 33.79
CA LEU D 73 11.70 -7.98 33.04
C LEU D 73 12.67 -8.91 33.78
N LYS D 74 13.30 -8.39 34.83
CA LYS D 74 14.25 -9.17 35.62
C LYS D 74 13.68 -9.38 37.03
N ASN D 75 12.48 -8.84 37.26
CA ASN D 75 11.82 -8.95 38.56
C ASN D 75 11.04 -10.27 38.68
N PRO D 76 11.40 -11.12 39.66
CA PRO D 76 10.70 -12.41 39.83
C PRO D 76 9.23 -12.25 40.15
N ALA D 77 8.85 -11.14 40.78
CA ALA D 77 7.45 -10.92 41.13
C ALA D 77 6.64 -10.74 39.85
N PHE D 78 7.21 -10.04 38.87
CA PHE D 78 6.51 -9.82 37.61
C PHE D 78 6.22 -11.15 36.92
N TRP D 79 7.23 -12.01 36.80
CA TRP D 79 7.03 -13.29 36.15
C TRP D 79 5.97 -14.18 36.82
N GLU D 80 5.85 -14.11 38.15
CA GLU D 80 4.85 -14.90 38.86
C GLU D 80 3.44 -14.58 38.35
N LYS D 81 3.15 -13.28 38.26
CA LYS D 81 1.85 -12.81 37.78
C LYS D 81 1.65 -13.10 36.29
N MET D 82 2.68 -12.83 35.50
CA MET D 82 2.59 -13.03 34.05
C MET D 82 2.33 -14.47 33.63
N ASN D 83 3.01 -15.41 34.28
CA ASN D 83 2.87 -16.83 33.93
C ASN D 83 1.74 -17.56 34.63
N ASN D 84 1.07 -16.90 35.56
CA ASN D 84 -0.02 -17.55 36.28
C ASN D 84 -1.33 -16.78 36.31
N GLY D 85 -1.72 -16.20 35.18
CA GLY D 85 -2.97 -15.48 35.16
C GLY D 85 -3.15 -14.29 34.24
N TRP D 86 -2.13 -13.46 34.06
CA TRP D 86 -2.25 -12.29 33.19
C TRP D 86 -2.47 -12.60 31.71
N ASP D 87 -2.17 -13.82 31.26
CA ASP D 87 -2.44 -14.14 29.86
C ASP D 87 -3.95 -14.31 29.65
N GLU D 88 -4.73 -14.12 30.70
CA GLU D 88 -6.19 -14.17 30.59
C GLU D 88 -6.56 -12.92 29.82
N PHE D 89 -5.65 -11.94 29.85
CA PHE D 89 -5.84 -10.68 29.14
C PHE D 89 -5.10 -10.69 27.80
N SER D 90 -4.46 -11.80 27.47
CA SER D 90 -3.73 -11.92 26.21
C SER D 90 -4.68 -12.30 25.09
N ILE D 91 -4.55 -11.64 23.95
CA ILE D 91 -5.43 -11.90 22.81
C ILE D 91 -4.78 -12.81 21.77
N PRO D 92 -5.37 -13.97 21.51
CA PRO D 92 -4.86 -14.94 20.54
C PRO D 92 -4.84 -14.33 19.13
N LYS D 93 -3.86 -14.75 18.33
CA LYS D 93 -3.77 -14.23 16.98
C LYS D 93 -4.42 -15.19 16.00
N GLU D 94 -5.22 -14.65 15.08
CA GLU D 94 -5.92 -15.47 14.09
C GLU D 94 -4.94 -16.22 13.18
N ALA D 95 -3.86 -15.55 12.78
CA ALA D 95 -2.89 -16.19 11.91
C ALA D 95 -2.37 -17.44 12.61
N ALA D 96 -2.25 -17.37 13.94
CA ALA D 96 -1.79 -18.50 14.73
C ALA D 96 -2.82 -19.64 14.77
N ARG D 97 -4.11 -19.31 14.92
CA ARG D 97 -5.15 -20.35 14.95
C ARG D 97 -5.04 -21.17 13.68
N GLN D 98 -4.84 -20.49 12.56
CA GLN D 98 -4.74 -21.14 11.26
C GLN D 98 -3.54 -22.08 11.16
N LEU D 99 -2.41 -21.64 11.68
CA LEU D 99 -1.21 -22.46 11.63
C LEU D 99 -1.37 -23.66 12.56
N ILE D 100 -1.81 -23.40 13.79
CA ILE D 100 -2.01 -24.48 14.73
C ILE D 100 -3.04 -25.49 14.22
N ASP D 101 -4.14 -25.01 13.65
CA ASP D 101 -5.14 -25.94 13.11
C ASP D 101 -4.54 -26.77 11.99
N MET D 102 -3.72 -26.12 11.17
CA MET D 102 -3.09 -26.77 10.03
C MET D 102 -2.13 -27.87 10.48
N HIS D 103 -1.36 -27.60 11.53
CA HIS D 103 -0.43 -28.60 12.04
C HIS D 103 -1.12 -29.73 12.80
N VAL D 104 -2.27 -29.43 13.41
CA VAL D 104 -2.99 -30.46 14.13
C VAL D 104 -3.55 -31.46 13.12
N ARG D 105 -4.05 -30.97 11.98
CA ARG D 105 -4.58 -31.88 10.94
C ARG D 105 -3.47 -32.80 10.48
N ARG D 106 -2.29 -32.22 10.28
CA ARG D 106 -1.13 -32.98 9.84
C ARG D 106 -0.73 -34.00 10.89
N GLY D 107 -1.13 -33.75 12.13
CA GLY D 107 -0.79 -34.65 13.23
C GLY D 107 0.61 -34.37 13.76
N ASP D 108 1.08 -33.14 13.62
CA ASP D 108 2.41 -32.76 14.10
C ASP D 108 2.40 -32.51 15.60
N SER D 109 3.56 -32.61 16.23
CA SER D 109 3.67 -32.34 17.66
C SER D 109 4.00 -30.87 17.79
N ILE D 110 3.18 -30.14 18.53
CA ILE D 110 3.39 -28.72 18.68
C ILE D 110 4.10 -28.32 19.97
N TYR D 111 5.19 -27.56 19.82
CA TYR D 111 5.96 -27.08 20.96
C TYR D 111 5.91 -25.56 21.05
N PHE D 112 5.99 -25.04 22.27
CA PHE D 112 5.99 -23.59 22.48
C PHE D 112 7.25 -23.26 23.25
N VAL D 113 8.12 -22.48 22.63
CA VAL D 113 9.38 -22.10 23.27
C VAL D 113 9.37 -20.60 23.52
N THR D 114 9.46 -20.23 24.79
CA THR D 114 9.44 -18.83 25.14
C THR D 114 10.69 -18.35 25.88
N GLY D 115 10.95 -17.05 25.80
CA GLY D 115 12.09 -16.47 26.49
C GLY D 115 11.70 -15.98 27.86
N ARG D 116 10.42 -16.12 28.21
CA ARG D 116 9.93 -15.68 29.53
C ARG D 116 10.67 -16.48 30.58
N SER D 117 10.88 -15.90 31.76
CA SER D 117 11.58 -16.60 32.84
C SER D 117 10.74 -17.74 33.37
N GLN D 118 11.40 -18.81 33.79
CA GLN D 118 10.70 -19.96 34.35
C GLN D 118 10.27 -19.67 35.78
N THR D 119 9.06 -20.07 36.13
CA THR D 119 8.53 -19.88 37.46
C THR D 119 8.08 -21.23 38.03
N LYS D 120 7.95 -21.31 39.34
CA LYS D 120 7.53 -22.55 39.99
C LYS D 120 6.29 -23.17 39.36
N THR D 121 5.30 -22.34 39.06
CA THR D 121 4.08 -22.81 38.41
C THR D 121 3.80 -21.94 37.20
N GLU D 122 2.95 -22.42 36.30
CA GLU D 122 2.61 -21.67 35.11
C GLU D 122 1.29 -22.17 34.54
N THR D 123 0.42 -21.24 34.14
CA THR D 123 -0.87 -21.59 33.57
C THR D 123 -0.93 -21.30 32.08
N VAL D 124 0.21 -20.86 31.53
CA VAL D 124 0.31 -20.53 30.11
C VAL D 124 -0.02 -21.72 29.21
N SER D 125 0.51 -22.90 29.52
CA SER D 125 0.24 -24.09 28.70
C SER D 125 -1.24 -24.34 28.58
N LYS D 126 -1.96 -24.20 29.69
CA LYS D 126 -3.40 -24.42 29.72
C LYS D 126 -4.11 -23.35 28.89
N THR D 127 -3.67 -22.10 29.02
CA THR D 127 -4.29 -21.02 28.25
C THR D 127 -4.15 -21.31 26.75
N LEU D 128 -2.96 -21.70 26.33
CA LEU D 128 -2.69 -22.01 24.93
C LEU D 128 -3.56 -23.19 24.46
N ALA D 129 -3.49 -24.30 25.17
CA ALA D 129 -4.29 -25.47 24.79
C ALA D 129 -5.80 -25.14 24.68
N ASP D 130 -6.31 -24.34 25.63
CA ASP D 130 -7.72 -23.97 25.61
C ASP D 130 -8.10 -23.00 24.51
N ASN D 131 -7.35 -21.91 24.38
CA ASN D 131 -7.67 -20.93 23.34
C ASN D 131 -7.54 -21.46 21.92
N PHE D 132 -6.61 -22.36 21.68
CA PHE D 132 -6.39 -22.90 20.33
C PHE D 132 -6.94 -24.32 20.13
N HIS D 133 -7.64 -24.84 21.13
CA HIS D 133 -8.22 -26.17 21.05
C HIS D 133 -7.20 -27.19 20.56
N ILE D 134 -6.07 -27.30 21.26
CA ILE D 134 -5.04 -28.24 20.87
C ILE D 134 -5.26 -29.59 21.54
N PRO D 135 -5.38 -30.68 20.76
CA PRO D 135 -5.59 -32.01 21.35
C PRO D 135 -4.39 -32.40 22.21
N ALA D 136 -4.65 -33.19 23.24
CA ALA D 136 -3.59 -33.63 24.14
C ALA D 136 -2.48 -34.37 23.38
N ALA D 137 -2.87 -35.05 22.31
CA ALA D 137 -1.92 -35.81 21.50
C ALA D 137 -0.87 -34.93 20.84
N ASN D 138 -1.24 -33.69 20.50
CA ASN D 138 -0.30 -32.78 19.84
C ASN D 138 0.30 -31.74 20.78
N MET D 139 -0.31 -31.58 21.95
CA MET D 139 0.14 -30.59 22.93
C MET D 139 1.36 -31.02 23.75
N ASN D 140 2.19 -30.04 24.09
CA ASN D 140 3.39 -30.26 24.88
C ASN D 140 3.51 -29.08 25.82
N PRO D 141 3.84 -29.33 27.08
CA PRO D 141 3.95 -28.19 27.98
C PRO D 141 4.98 -27.16 27.49
N VAL D 142 4.65 -25.88 27.69
CA VAL D 142 5.51 -24.79 27.27
C VAL D 142 6.94 -24.92 27.81
N ILE D 143 7.91 -24.68 26.96
CA ILE D 143 9.31 -24.75 27.35
C ILE D 143 9.80 -23.33 27.63
N PHE D 144 10.17 -23.05 28.87
CA PHE D 144 10.67 -21.71 29.23
C PHE D 144 12.19 -21.71 29.10
N ALA D 145 12.69 -21.18 27.99
CA ALA D 145 14.13 -21.15 27.76
C ALA D 145 14.87 -20.03 28.49
N GLY D 146 14.11 -19.04 28.98
CA GLY D 146 14.74 -17.94 29.69
C GLY D 146 15.39 -16.96 28.71
N ASP D 147 16.24 -16.07 29.21
CA ASP D 147 16.90 -15.08 28.35
C ASP D 147 18.27 -14.69 28.91
N LYS D 148 19.33 -15.36 28.46
CA LYS D 148 20.71 -15.07 28.89
C LYS D 148 21.43 -14.21 27.84
N PRO D 149 21.87 -12.99 28.22
CA PRO D 149 22.56 -12.03 27.34
C PRO D 149 23.78 -12.59 26.59
N GLU D 150 23.91 -12.19 25.32
CA GLU D 150 25.03 -12.62 24.48
C GLU D 150 24.92 -14.10 24.07
N GLN D 151 23.73 -14.67 24.24
CA GLN D 151 23.46 -16.07 23.90
C GLN D 151 21.97 -16.26 23.55
N ASN D 152 21.68 -17.17 22.62
CA ASN D 152 20.30 -17.44 22.21
C ASN D 152 19.83 -18.76 22.84
N THR D 153 19.07 -18.65 23.94
CA THR D 153 18.55 -19.81 24.69
C THR D 153 17.63 -20.80 23.95
N LYS D 154 17.05 -20.39 22.84
CA LYS D 154 16.13 -21.26 22.10
C LYS D 154 16.77 -22.37 21.26
N VAL D 155 17.97 -22.12 20.75
CA VAL D 155 18.69 -23.09 19.93
C VAL D 155 18.69 -24.49 20.53
N GLN D 156 19.12 -24.60 21.79
CA GLN D 156 19.18 -25.86 22.53
C GLN D 156 17.89 -26.69 22.39
N TRP D 157 16.74 -26.04 22.60
CA TRP D 157 15.46 -26.71 22.52
C TRP D 157 15.00 -27.13 21.12
N LEU D 158 15.27 -26.31 20.11
CA LEU D 158 14.90 -26.66 18.74
C LEU D 158 15.68 -27.93 18.33
N GLN D 159 16.93 -28.03 18.77
CA GLN D 159 17.77 -29.20 18.44
C GLN D 159 17.29 -30.47 19.13
N GLU D 160 17.17 -30.42 20.45
CA GLU D 160 16.74 -31.57 21.24
C GLU D 160 15.40 -32.19 20.89
N LYS D 161 14.42 -31.36 20.53
CA LYS D 161 13.10 -31.87 20.16
C LYS D 161 13.00 -32.11 18.65
N ASN D 162 14.11 -31.90 17.96
CA ASN D 162 14.18 -32.06 16.50
C ASN D 162 13.07 -31.34 15.74
N MET D 163 12.84 -30.08 16.09
CA MET D 163 11.83 -29.26 15.42
C MET D 163 12.29 -28.96 13.99
N ARG D 164 11.40 -29.15 13.02
CA ARG D 164 11.75 -28.91 11.63
C ARG D 164 11.34 -27.52 11.14
N ILE D 165 10.51 -26.84 11.92
CA ILE D 165 10.04 -25.50 11.57
C ILE D 165 9.82 -24.69 12.84
N PHE D 166 10.25 -23.44 12.83
CA PHE D 166 10.05 -22.58 13.99
C PHE D 166 9.39 -21.27 13.54
N TYR D 167 8.29 -20.92 14.19
CA TYR D 167 7.53 -19.69 13.90
C TYR D 167 7.84 -18.60 14.93
N GLY D 168 8.13 -17.40 14.47
CA GLY D 168 8.43 -16.33 15.41
C GLY D 168 8.39 -14.93 14.81
N ASP D 169 8.27 -13.92 15.67
CA ASP D 169 8.19 -12.53 15.22
C ASP D 169 9.51 -11.78 15.41
N SER D 170 10.37 -12.28 16.28
CA SER D 170 11.65 -11.63 16.56
C SER D 170 12.80 -12.17 15.74
N ASP D 171 13.85 -11.37 15.61
CA ASP D 171 15.03 -11.79 14.87
C ASP D 171 15.66 -13.02 15.49
N ASN D 172 15.79 -13.04 16.81
CA ASN D 172 16.40 -14.19 17.49
C ASN D 172 15.62 -15.48 17.28
N ASP D 173 14.35 -15.38 16.89
CA ASP D 173 13.55 -16.56 16.60
C ASP D 173 14.02 -17.13 15.24
N ILE D 174 14.24 -16.23 14.29
CA ILE D 174 14.69 -16.63 12.98
C ILE D 174 16.14 -17.09 12.99
N THR D 175 17.02 -16.35 13.68
CA THR D 175 18.41 -16.74 13.70
C THR D 175 18.54 -18.09 14.39
N ALA D 176 17.68 -18.33 15.38
CA ALA D 176 17.70 -19.60 16.11
C ALA D 176 17.44 -20.76 15.15
N ALA D 177 16.44 -20.59 14.28
CA ALA D 177 16.10 -21.61 13.31
C ALA D 177 17.27 -21.78 12.32
N ARG D 178 17.88 -20.66 11.94
CA ARG D 178 19.00 -20.68 11.01
C ARG D 178 20.20 -21.38 11.63
N ASP D 179 20.45 -21.15 12.91
CA ASP D 179 21.56 -21.83 13.57
C ASP D 179 21.36 -23.35 13.53
N CYS D 180 20.11 -23.81 13.53
CA CYS D 180 19.82 -25.25 13.52
C CYS D 180 19.63 -25.83 12.13
N GLY D 181 19.66 -24.97 11.11
CA GLY D 181 19.48 -25.47 9.76
C GLY D 181 18.06 -25.90 9.49
N ILE D 182 17.10 -25.27 10.15
CA ILE D 182 15.70 -25.61 9.92
C ILE D 182 14.97 -24.40 9.33
N ARG D 183 13.72 -24.60 8.93
CA ARG D 183 12.93 -23.54 8.30
C ARG D 183 12.32 -22.58 9.31
N GLY D 184 12.86 -21.35 9.35
CA GLY D 184 12.35 -20.33 10.25
C GLY D 184 11.39 -19.44 9.49
N ILE D 185 10.14 -19.36 9.94
CA ILE D 185 9.11 -18.55 9.30
C ILE D 185 8.67 -17.39 10.22
N ARG D 186 8.68 -16.18 9.66
CA ARG D 186 8.35 -14.97 10.40
C ARG D 186 6.88 -14.59 10.47
N ILE D 187 6.47 -14.12 11.65
CA ILE D 187 5.10 -13.67 11.90
C ILE D 187 5.24 -12.18 12.18
N LEU D 188 4.32 -11.38 11.63
CA LEU D 188 4.39 -9.93 11.85
C LEU D 188 3.98 -9.53 13.27
N ARG D 189 4.76 -8.64 13.89
CA ARG D 189 4.43 -8.14 15.23
C ARG D 189 3.43 -6.99 15.06
N ALA D 190 2.32 -7.02 15.79
CA ALA D 190 1.32 -5.96 15.69
C ALA D 190 1.92 -4.61 16.01
N ALA D 191 1.39 -3.59 15.33
CA ALA D 191 1.84 -2.22 15.50
C ALA D 191 1.54 -1.68 16.89
N ASN D 192 0.49 -2.19 17.52
CA ASN D 192 0.16 -1.70 18.85
C ASN D 192 0.83 -2.44 19.99
N SER D 193 1.70 -3.38 19.66
CA SER D 193 2.43 -4.11 20.70
C SER D 193 3.33 -3.10 21.44
N THR D 194 3.61 -3.34 22.72
CA THR D 194 4.46 -2.42 23.46
C THR D 194 5.94 -2.77 23.31
N TYR D 195 6.21 -3.87 22.61
CA TYR D 195 7.59 -4.30 22.39
C TYR D 195 8.12 -3.62 21.11
N LYS D 196 8.74 -2.46 21.30
CA LYS D 196 9.28 -1.68 20.19
C LYS D 196 10.80 -1.58 20.29
N PRO D 197 11.47 -1.27 19.16
CA PRO D 197 10.84 -1.02 17.86
C PRO D 197 10.44 -2.30 17.16
N LEU D 198 9.54 -2.20 16.19
CA LEU D 198 9.11 -3.37 15.45
C LEU D 198 10.30 -3.91 14.67
N PRO D 199 10.42 -5.24 14.54
CA PRO D 199 11.56 -5.78 13.79
C PRO D 199 11.30 -5.70 12.29
N GLN D 200 12.37 -5.84 11.52
CA GLN D 200 12.26 -5.81 10.07
C GLN D 200 12.04 -7.24 9.57
N ALA D 201 10.78 -7.58 9.35
CA ALA D 201 10.43 -8.91 8.88
C ALA D 201 11.02 -9.13 7.49
N GLY D 202 11.73 -10.24 7.29
CA GLY D 202 12.34 -10.54 6.00
C GLY D 202 13.81 -10.13 5.94
N ALA D 203 14.33 -9.67 7.07
CA ALA D 203 15.73 -9.23 7.17
C ALA D 203 16.81 -10.32 7.02
N PHE D 204 16.41 -11.58 6.93
CA PHE D 204 17.37 -12.66 6.78
C PHE D 204 17.00 -13.44 5.54
N GLY D 205 16.07 -12.88 4.75
CA GLY D 205 15.62 -13.54 3.53
C GLY D 205 14.61 -14.64 3.80
N GLU D 206 14.14 -14.74 5.05
CA GLU D 206 13.18 -15.77 5.44
C GLU D 206 11.76 -15.50 4.93
N GLU D 207 10.93 -16.54 4.95
CA GLU D 207 9.53 -16.44 4.53
C GLU D 207 8.75 -15.63 5.59
N VAL D 208 7.87 -14.74 5.14
CA VAL D 208 7.07 -13.94 6.05
C VAL D 208 5.61 -14.23 5.75
N ILE D 209 4.82 -14.56 6.78
CA ILE D 209 3.41 -14.86 6.55
C ILE D 209 2.56 -13.60 6.42
N VAL D 210 1.78 -13.53 5.35
CA VAL D 210 0.95 -12.37 5.11
C VAL D 210 -0.18 -12.18 6.13
N ASN D 211 -0.46 -10.93 6.44
CA ASN D 211 -1.55 -10.57 7.33
C ASN D 211 -1.48 -11.27 8.68
N SER D 212 -0.28 -11.55 9.14
CA SER D 212 -0.11 -12.27 10.38
C SER D 212 -0.01 -11.35 11.61
N GLU D 213 -0.35 -10.08 11.44
CA GLU D 213 -0.24 -9.14 12.54
C GLU D 213 -1.41 -9.22 13.54
N TYR D 214 -2.47 -9.91 13.16
CA TYR D 214 -3.62 -10.06 14.06
C TYR D 214 -4.12 -11.50 14.06
#